data_4HWP
#
_entry.id   4HWP
#
_cell.length_a   86.160
_cell.length_b   110.140
_cell.length_c   115.450
_cell.angle_alpha   90.000
_cell.angle_beta   90.000
_cell.angle_gamma   90.000
#
_symmetry.space_group_name_H-M   'P 21 21 21'
#
loop_
_entity.id
_entity.type
_entity.pdbx_description
1 polymer 'Threonine--tRNA ligase'
2 non-polymer 'ZINC ION'
3 non-polymer N-{[3-(4-amino-2-methylquinazolin-7-yl)phenyl]sulfonyl}-L-threoninamide
4 water water
#
_entity_poly.entity_id   1
_entity_poly.type   'polypeptide(L)'
_entity_poly.pdbx_seq_one_letter_code
;MARDHRKIGKQLDLYHMQEEAPGMVFWHNDGWTIFRELEVFVRSKLKEYQYQEVKGPFMMDRVLWEKTGHWDNYKDAMFT
TSSENREYCIKPMNCPGHVQIFNQGLKSYRDLPLRMAEFGSCHRNEPSGSLHGLMRVRGFTQDDAHIFCTEEQIRDEVNG
CIRLVYDMYSTFGFEKIVVKLSTRPEKRIGSDEMWDRAEADLAVALEENNIPFEYQLGEGAFYGPKIEFTLYDCLDRAWQ
CGTVQLDFSLPSRLSASYVGEDNERKVPVMIHRAILGSMERFIGILTEEFAGFFPTWLAPVQVVIMNITDSQSEYVNELT
QKLSNAGIRVKADLRNEKIGFKIREHTLRRVPYMLVCGDKEVESGKVAVRTRRGKDLGSMDVNEVIEKLQQEIRSRSLKQ
LEELEHHHHHH
;
_entity_poly.pdbx_strand_id   A,B
#
loop_
_chem_comp.id
_chem_comp.type
_chem_comp.name
_chem_comp.formula
X16 non-polymer N-{[3-(4-amino-2-methylquinazolin-7-yl)phenyl]sulfonyl}-L-threoninamide 'C19 H21 N5 O4 S'
ZN non-polymer 'ZINC ION' 'Zn 2'
#
# COMPACT_ATOMS: atom_id res chain seq x y z
N ARG A 3 -18.30 22.16 7.04
CA ARG A 3 -19.10 20.90 7.01
C ARG A 3 -18.20 19.72 7.28
N ASP A 4 -18.73 18.82 8.07
CA ASP A 4 -18.05 17.72 8.63
C ASP A 4 -17.55 16.69 7.59
N HIS A 5 -16.34 16.17 7.78
CA HIS A 5 -15.79 15.17 6.84
C HIS A 5 -16.63 13.90 6.77
N ARG A 6 -17.41 13.61 7.81
CA ARG A 6 -18.21 12.37 7.82
C ARG A 6 -19.37 12.51 6.84
N LYS A 7 -19.93 13.73 6.75
CA LYS A 7 -21.00 14.02 5.80
C LYS A 7 -20.44 14.00 4.39
N ILE A 8 -19.28 14.61 4.21
CA ILE A 8 -18.74 14.72 2.88
C ILE A 8 -18.31 13.31 2.42
N GLY A 9 -17.77 12.52 3.37
CA GLY A 9 -17.37 11.13 3.15
C GLY A 9 -18.52 10.31 2.61
N LYS A 10 -19.71 10.50 3.15
CA LYS A 10 -20.88 9.78 2.61
C LYS A 10 -21.25 10.32 1.23
N GLN A 11 -21.29 11.65 1.08
CA GLN A 11 -21.61 12.29 -0.18
C GLN A 11 -20.76 11.81 -1.36
N LEU A 12 -19.47 11.56 -1.09
CA LEU A 12 -18.53 11.20 -2.14
C LEU A 12 -18.26 9.69 -2.11
N ASP A 13 -19.00 8.95 -1.29
CA ASP A 13 -18.83 7.49 -1.20
C ASP A 13 -17.36 7.12 -0.91
N LEU A 14 -16.75 7.81 0.05
CA LEU A 14 -15.31 7.54 0.31
C LEU A 14 -15.09 6.31 1.18
N TYR A 15 -15.94 6.15 2.19
CA TYR A 15 -15.72 5.14 3.25
C TYR A 15 -17.00 4.99 4.04
N HIS A 16 -17.07 3.97 4.87
CA HIS A 16 -18.11 3.93 5.91
C HIS A 16 -17.59 3.22 7.11
N MET A 17 -18.35 3.28 8.19
CA MET A 17 -18.04 2.57 9.42
C MET A 17 -19.32 1.84 9.89
N GLN A 18 -19.15 0.75 10.60
CA GLN A 18 -20.28 0.00 11.13
C GLN A 18 -19.99 -0.29 12.58
N GLU A 19 -21.04 -0.59 13.32
CA GLU A 19 -20.87 -1.07 14.70
C GLU A 19 -20.19 -2.43 14.87
N GLU A 20 -20.20 -3.28 13.83
CA GLU A 20 -19.46 -4.56 13.85
C GLU A 20 -17.93 -4.34 13.98
N ALA A 21 -17.47 -3.10 13.75
CA ALA A 21 -16.05 -2.87 13.82
C ALA A 21 -15.78 -1.43 14.26
N PRO A 22 -16.01 -1.12 15.54
CA PRO A 22 -15.91 0.27 15.96
C PRO A 22 -14.51 0.86 15.67
N GLY A 23 -14.49 2.07 15.08
CA GLY A 23 -13.21 2.73 14.79
C GLY A 23 -12.32 2.05 13.74
N MET A 24 -12.91 1.18 12.91
CA MET A 24 -12.17 0.49 11.84
C MET A 24 -12.79 0.97 10.53
N VAL A 25 -11.98 1.48 9.61
CA VAL A 25 -12.59 2.13 8.45
C VAL A 25 -12.79 1.08 7.33
N PHE A 26 -13.94 1.17 6.66
CA PHE A 26 -14.11 0.43 5.41
C PHE A 26 -13.85 1.44 4.29
N TRP A 27 -12.72 1.32 3.60
CA TRP A 27 -12.42 2.26 2.49
C TRP A 27 -13.06 1.79 1.20
N HIS A 28 -13.99 2.61 0.69
CA HIS A 28 -14.58 2.31 -0.61
C HIS A 28 -13.60 2.66 -1.69
N ASN A 29 -13.93 2.34 -2.94
CA ASN A 29 -12.99 2.54 -4.02
C ASN A 29 -12.49 4.00 -4.06
N ASP A 30 -13.44 4.95 -3.97
CA ASP A 30 -13.07 6.35 -4.17
C ASP A 30 -12.24 6.91 -3.00
N GLY A 31 -12.52 6.51 -1.77
CA GLY A 31 -11.69 6.96 -0.64
C GLY A 31 -10.33 6.28 -0.69
N TRP A 32 -10.30 5.02 -1.10
CA TRP A 32 -9.02 4.29 -1.22
C TRP A 32 -8.13 4.88 -2.30
N THR A 33 -8.73 5.44 -3.36
CA THR A 33 -8.00 6.18 -4.41
C THR A 33 -7.23 7.38 -3.79
N ILE A 34 -7.93 8.13 -2.93
CA ILE A 34 -7.25 9.27 -2.23
C ILE A 34 -6.11 8.78 -1.33
N PHE A 35 -6.39 7.76 -0.50
CA PHE A 35 -5.38 7.14 0.36
C PHE A 35 -4.18 6.70 -0.48
N ARG A 36 -4.43 5.99 -1.58
CA ARG A 36 -3.33 5.52 -2.43
C ARG A 36 -2.50 6.63 -3.06
N GLU A 37 -3.16 7.70 -3.52
CA GLU A 37 -2.47 8.85 -4.06
C GLU A 37 -1.63 9.56 -3.02
N LEU A 38 -2.14 9.64 -1.79
CA LEU A 38 -1.27 10.16 -0.72
C LEU A 38 -0.06 9.27 -0.49
N GLU A 39 -0.24 7.93 -0.52
CA GLU A 39 0.96 7.06 -0.42
C GLU A 39 1.97 7.36 -1.52
N VAL A 40 1.49 7.50 -2.76
CA VAL A 40 2.40 7.81 -3.90
C VAL A 40 3.17 9.11 -3.63
N PHE A 41 2.45 10.13 -3.12
CA PHE A 41 3.08 11.42 -2.82
C PHE A 41 4.17 11.29 -1.75
N VAL A 42 3.82 10.65 -0.66
CA VAL A 42 4.80 10.40 0.39
C VAL A 42 5.98 9.62 -0.17
N ARG A 43 5.72 8.53 -0.90
CA ARG A 43 6.86 7.78 -1.52
C ARG A 43 7.77 8.63 -2.37
N SER A 44 7.20 9.59 -3.13
CA SER A 44 8.02 10.50 -3.93
C SER A 44 9.01 11.27 -3.06
N LYS A 45 8.54 11.63 -1.86
CA LYS A 45 9.40 12.31 -0.84
C LYS A 45 10.35 11.39 -0.09
N LEU A 46 9.95 10.16 0.21
CA LEU A 46 10.87 9.15 0.77
C LEU A 46 12.06 8.97 -0.17
N LYS A 47 11.77 8.90 -1.46
CA LYS A 47 12.80 8.72 -2.46
C LYS A 47 13.80 9.90 -2.44
N GLU A 48 13.26 11.10 -2.50
CA GLU A 48 14.06 12.30 -2.63
C GLU A 48 14.91 12.48 -1.38
N TYR A 49 14.29 12.22 -0.23
CA TYR A 49 14.97 12.37 1.09
C TYR A 49 15.76 11.13 1.55
N GLN A 50 15.87 10.09 0.71
CA GLN A 50 16.75 8.92 0.94
C GLN A 50 16.34 8.03 2.13
N TYR A 51 15.09 7.59 2.10
CA TYR A 51 14.54 6.68 3.10
C TYR A 51 14.40 5.26 2.53
N GLN A 52 14.70 4.26 3.36
CA GLN A 52 14.25 2.89 3.07
C GLN A 52 12.74 2.84 3.30
N GLU A 53 12.09 1.87 2.71
CA GLU A 53 10.72 1.59 3.08
C GLU A 53 10.57 0.09 3.37
N VAL A 54 10.04 -0.20 4.55
CA VAL A 54 9.94 -1.56 5.06
C VAL A 54 8.51 -1.91 5.44
N LYS A 55 8.30 -3.14 5.92
CA LYS A 55 6.99 -3.51 6.51
C LYS A 55 7.26 -4.44 7.68
N GLY A 56 6.80 -4.04 8.84
CA GLY A 56 6.92 -4.88 10.03
C GLY A 56 5.60 -5.65 10.19
N PRO A 57 5.63 -6.75 10.93
CA PRO A 57 4.42 -7.54 11.12
C PRO A 57 3.42 -6.90 12.11
N PHE A 58 2.15 -7.35 12.02
CA PHE A 58 1.08 -6.76 12.82
C PHE A 58 1.32 -7.14 14.28
N MET A 59 1.79 -8.35 14.53
CA MET A 59 1.91 -8.72 15.91
C MET A 59 3.22 -9.36 16.28
N MET A 60 3.59 -9.16 17.54
CA MET A 60 4.82 -9.67 18.13
C MET A 60 4.55 -10.00 19.60
N ASP A 61 5.34 -10.94 20.14
CA ASP A 61 5.22 -11.40 21.53
C ASP A 61 5.09 -10.25 22.52
N ARG A 62 4.17 -10.39 23.47
CA ARG A 62 4.08 -9.47 24.60
C ARG A 62 5.43 -9.33 25.34
N VAL A 63 6.24 -10.38 25.38
CA VAL A 63 7.57 -10.28 26.01
C VAL A 63 8.39 -9.09 25.43
N LEU A 64 8.35 -8.93 24.11
CA LEU A 64 9.07 -7.84 23.45
C LEU A 64 8.51 -6.48 23.88
N TRP A 65 7.17 -6.36 23.88
CA TRP A 65 6.52 -5.12 24.30
C TRP A 65 6.76 -4.78 25.72
N GLU A 66 6.97 -5.79 26.56
CA GLU A 66 7.34 -5.54 27.94
C GLU A 66 8.74 -4.91 28.06
N LYS A 67 9.67 -5.38 27.23
CA LYS A 67 11.03 -4.86 27.19
C LYS A 67 11.06 -3.34 26.86
N THR A 68 10.12 -2.86 26.07
CA THR A 68 10.22 -1.47 25.59
C THR A 68 9.77 -0.45 26.64
N GLY A 69 9.11 -0.90 27.68
CA GLY A 69 8.27 -0.03 28.49
C GLY A 69 6.84 0.21 27.98
N HIS A 70 6.45 -0.37 26.83
CA HIS A 70 5.01 -0.27 26.36
C HIS A 70 4.01 -0.93 27.25
N TRP A 71 4.38 -2.07 27.84
CA TRP A 71 3.43 -2.77 28.72
C TRP A 71 3.06 -1.97 29.95
N ASP A 72 4.06 -1.46 30.67
CA ASP A 72 3.78 -0.55 31.78
C ASP A 72 3.00 0.71 31.35
N ASN A 73 3.49 1.35 30.28
CA ASN A 73 3.14 2.74 29.95
C ASN A 73 2.07 2.90 28.89
N TYR A 74 1.59 1.80 28.35
CA TYR A 74 0.77 1.83 27.18
C TYR A 74 -0.20 0.65 27.17
N LYS A 75 -0.36 -0.03 28.31
CA LYS A 75 -1.20 -1.24 28.44
C LYS A 75 -2.62 -1.09 27.93
N ASP A 76 -3.32 -0.08 28.46
CA ASP A 76 -4.73 0.21 28.15
C ASP A 76 -5.11 0.24 26.67
N ALA A 77 -4.19 0.72 25.84
CA ALA A 77 -4.46 0.93 24.43
C ALA A 77 -4.13 -0.30 23.58
N MET A 78 -3.47 -1.30 24.16
CA MET A 78 -3.03 -2.45 23.34
C MET A 78 -4.08 -3.55 23.20
N PHE A 79 -4.34 -3.96 21.96
CA PHE A 79 -5.09 -5.18 21.70
C PHE A 79 -4.16 -6.38 21.84
N THR A 80 -4.60 -7.43 22.56
CA THR A 80 -3.78 -8.65 22.64
C THR A 80 -4.53 -9.86 22.10
N THR A 81 -3.78 -10.84 21.67
CA THR A 81 -4.35 -12.08 21.15
C THR A 81 -3.35 -13.16 21.50
N SER A 82 -3.76 -14.40 21.34
CA SER A 82 -2.95 -15.52 21.81
C SER A 82 -2.85 -16.65 20.80
N SER A 83 -1.74 -17.37 20.84
CA SER A 83 -1.60 -18.61 20.14
C SER A 83 -0.62 -19.53 20.85
N GLU A 84 -1.04 -20.78 20.99
CA GLU A 84 -0.21 -21.81 21.60
C GLU A 84 0.39 -21.32 22.94
N ASN A 85 -0.47 -20.79 23.80
CA ASN A 85 -0.10 -20.35 25.17
C ASN A 85 0.89 -19.18 25.22
N ARG A 86 1.03 -18.47 24.10
CA ARG A 86 1.82 -17.26 24.05
C ARG A 86 0.94 -16.07 23.71
N GLU A 87 1.19 -14.96 24.38
CA GLU A 87 0.42 -13.75 24.19
C GLU A 87 1.16 -12.78 23.24
N TYR A 88 0.40 -12.21 22.29
CA TYR A 88 0.90 -11.28 21.24
C TYR A 88 0.17 -9.96 21.36
N CYS A 89 0.87 -8.85 21.06
CA CYS A 89 0.22 -7.56 21.02
C CYS A 89 0.10 -7.20 19.57
N ILE A 90 -1.07 -6.71 19.17
CA ILE A 90 -1.18 -6.13 17.86
C ILE A 90 -0.48 -4.75 17.95
N LYS A 91 0.40 -4.43 16.99
CA LYS A 91 1.29 -3.27 17.22
C LYS A 91 0.50 -1.96 17.31
N PRO A 92 0.76 -1.13 18.37
CA PRO A 92 0.22 0.23 18.49
C PRO A 92 1.19 1.26 17.86
N MET A 93 2.41 0.82 17.58
CA MET A 93 3.50 1.63 16.99
C MET A 93 4.42 0.72 16.19
N ASN A 94 5.19 1.35 15.30
CA ASN A 94 6.02 0.58 14.38
C ASN A 94 7.46 0.52 14.78
N CYS A 95 7.82 1.32 15.79
CA CYS A 95 9.24 1.47 16.19
C CYS A 95 9.92 0.15 16.57
N PRO A 96 9.27 -0.67 17.44
CA PRO A 96 9.97 -1.86 17.87
C PRO A 96 10.26 -2.82 16.69
N GLY A 97 9.34 -2.91 15.72
CA GLY A 97 9.57 -3.70 14.52
C GLY A 97 10.76 -3.16 13.72
N HIS A 98 10.86 -1.84 13.58
CA HIS A 98 12.00 -1.21 12.90
C HIS A 98 13.29 -1.55 13.56
N VAL A 99 13.30 -1.55 14.89
CA VAL A 99 14.54 -1.93 15.60
C VAL A 99 14.88 -3.41 15.39
N GLN A 100 13.86 -4.26 15.29
CA GLN A 100 14.14 -5.67 14.99
C GLN A 100 14.80 -5.80 13.64
N ILE A 101 14.39 -4.98 12.66
CA ILE A 101 15.04 -5.00 11.36
C ILE A 101 16.48 -4.48 11.43
N PHE A 102 16.67 -3.38 12.15
CA PHE A 102 18.01 -2.80 12.36
C PHE A 102 18.97 -3.84 12.97
N ASN A 103 18.43 -4.63 13.91
CA ASN A 103 19.19 -5.63 14.68
C ASN A 103 19.63 -6.83 13.87
N GLN A 104 19.06 -7.03 12.69
CA GLN A 104 19.55 -8.05 11.76
C GLN A 104 20.81 -7.57 11.05
N GLY A 105 21.88 -8.32 11.21
CA GLY A 105 23.16 -7.97 10.57
C GLY A 105 23.90 -6.85 11.29
N LEU A 106 25.21 -7.03 11.41
CA LEU A 106 26.09 -6.10 12.08
C LEU A 106 26.01 -4.71 11.44
N LYS A 107 25.79 -3.67 12.22
CA LYS A 107 25.72 -2.31 11.69
C LYS A 107 26.97 -1.56 12.08
N SER A 108 27.39 -0.65 11.21
CA SER A 108 28.54 0.19 11.46
C SER A 108 28.16 1.67 11.36
N TYR A 109 29.01 2.57 11.89
CA TYR A 109 28.79 4.01 11.71
C TYR A 109 28.58 4.40 10.24
N ARG A 110 29.16 3.63 9.32
CA ARG A 110 29.05 3.82 7.85
C ARG A 110 27.62 3.72 7.35
N ASP A 111 26.81 2.95 8.06
CA ASP A 111 25.38 2.75 7.74
C ASP A 111 24.48 3.84 8.29
N LEU A 112 25.03 4.79 9.02
CA LEU A 112 24.24 5.85 9.65
C LEU A 112 24.44 7.19 8.94
N PRO A 113 23.38 8.01 8.82
CA PRO A 113 22.01 7.81 9.36
C PRO A 113 21.26 6.79 8.52
N LEU A 114 20.48 5.93 9.17
CA LEU A 114 19.73 4.94 8.46
C LEU A 114 18.28 5.36 8.62
N ARG A 115 17.63 5.77 7.52
CA ARG A 115 16.27 6.30 7.60
C ARG A 115 15.30 5.23 7.12
N MET A 116 14.46 4.73 8.04
CA MET A 116 13.62 3.54 7.75
C MET A 116 12.13 3.94 7.88
N ALA A 117 11.46 4.08 6.74
CA ALA A 117 10.04 4.46 6.65
C ALA A 117 9.14 3.24 6.56
N GLU A 118 7.90 3.42 7.00
CA GLU A 118 6.86 2.38 6.80
C GLU A 118 5.50 3.06 6.83
N PHE A 119 4.60 2.65 5.91
CA PHE A 119 3.18 3.01 6.07
C PHE A 119 2.63 2.00 7.08
N GLY A 120 2.69 2.40 8.34
CA GLY A 120 2.63 1.41 9.42
C GLY A 120 1.24 1.30 10.02
N SER A 121 0.59 0.14 9.87
CA SER A 121 -0.76 -0.04 10.41
C SER A 121 -0.73 -0.27 11.90
N CYS A 122 -1.34 0.64 12.63
CA CYS A 122 -1.37 0.57 14.07
C CYS A 122 -2.80 0.37 14.57
N HIS A 123 -2.93 -0.27 15.72
CA HIS A 123 -4.20 -0.42 16.40
C HIS A 123 -4.03 0.03 17.82
N ARG A 124 -4.90 0.91 18.23
CA ARG A 124 -4.89 1.42 19.60
C ARG A 124 -6.35 1.37 20.05
N ASN A 125 -6.59 0.77 21.21
CA ASN A 125 -7.93 0.46 21.67
C ASN A 125 -8.60 1.66 22.33
N GLU A 126 -8.90 2.66 21.51
CA GLU A 126 -9.42 3.92 21.96
C GLU A 126 -10.81 3.68 22.54
N PRO A 127 -11.12 4.27 23.71
CA PRO A 127 -12.47 4.12 24.25
C PRO A 127 -13.51 4.52 23.21
N SER A 128 -14.58 3.74 23.09
CA SER A 128 -15.57 4.01 22.04
C SER A 128 -16.20 5.42 22.15
N GLY A 129 -16.31 5.97 23.36
CA GLY A 129 -16.84 7.33 23.55
C GLY A 129 -16.02 8.47 22.94
N SER A 130 -14.74 8.24 22.63
CA SER A 130 -13.95 9.34 22.13
C SER A 130 -13.56 9.17 20.65
N LEU A 131 -14.15 8.15 20.02
CA LEU A 131 -13.98 7.98 18.57
C LEU A 131 -14.62 9.15 17.84
N HIS A 132 -14.02 9.56 16.73
CA HIS A 132 -14.53 10.66 15.94
C HIS A 132 -14.18 10.51 14.48
N GLY A 133 -15.11 10.00 13.68
CA GLY A 133 -14.91 9.88 12.25
C GLY A 133 -13.58 9.23 11.88
N LEU A 134 -12.92 9.87 10.92
CA LEU A 134 -11.56 9.50 10.49
C LEU A 134 -10.46 10.07 11.39
N MET A 135 -10.82 11.04 12.22
CA MET A 135 -9.79 11.78 12.99
C MET A 135 -9.31 10.98 14.17
N ARG A 136 -10.22 10.24 14.82
CA ARG A 136 -9.82 9.38 15.94
C ARG A 136 -10.49 8.02 15.76
N VAL A 137 -9.68 7.04 15.30
CA VAL A 137 -10.14 5.68 14.98
C VAL A 137 -9.38 4.70 15.89
N ARG A 138 -9.59 3.42 15.74
CA ARG A 138 -8.79 2.43 16.44
C ARG A 138 -7.73 1.82 15.53
N GLY A 139 -8.04 1.66 14.24
CA GLY A 139 -7.05 1.17 13.27
C GLY A 139 -6.67 2.30 12.30
N PHE A 140 -5.40 2.68 12.32
CA PHE A 140 -4.99 3.76 11.43
C PHE A 140 -3.59 3.47 10.91
N THR A 141 -3.19 4.20 9.89
CA THR A 141 -1.91 3.96 9.21
C THR A 141 -1.09 5.23 9.34
N GLN A 142 0.09 5.10 9.96
CA GLN A 142 1.00 6.24 10.03
C GLN A 142 1.92 6.26 8.84
N ASP A 143 2.28 7.45 8.39
CA ASP A 143 3.38 7.58 7.42
C ASP A 143 4.62 7.73 8.30
N ASP A 144 5.04 6.61 8.87
CA ASP A 144 6.04 6.61 9.92
C ASP A 144 7.45 6.42 9.39
N ALA A 145 8.43 6.78 10.22
CA ALA A 145 9.84 6.45 9.97
C ALA A 145 10.62 6.61 11.26
N HIS A 146 11.67 5.77 11.39
CA HIS A 146 12.66 5.93 12.43
C HIS A 146 14.00 6.13 11.78
N ILE A 147 14.71 7.15 12.24
CA ILE A 147 16.07 7.41 11.77
C ILE A 147 17.04 7.02 12.88
N PHE A 148 17.95 6.12 12.52
CA PHE A 148 18.94 5.63 13.47
C PHE A 148 20.18 6.44 13.15
N CYS A 149 20.71 7.18 14.13
CA CYS A 149 21.86 8.05 13.84
C CYS A 149 22.78 8.20 15.04
N THR A 150 23.93 8.83 14.80
CA THR A 150 24.85 9.17 15.90
C THR A 150 24.38 10.45 16.60
N GLU A 151 24.92 10.71 17.79
CA GLU A 151 24.66 11.97 18.51
C GLU A 151 25.04 13.19 17.64
N GLU A 152 26.13 13.08 16.89
CA GLU A 152 26.65 14.17 16.04
C GLU A 152 25.70 14.46 14.87
N GLN A 153 24.88 13.45 14.55
CA GLN A 153 23.90 13.58 13.43
C GLN A 153 22.50 14.09 13.82
N ILE A 154 22.22 14.19 15.12
CA ILE A 154 20.89 14.63 15.59
C ILE A 154 20.42 15.93 14.97
N ARG A 155 21.27 16.97 15.03
CA ARG A 155 20.88 18.28 14.51
C ARG A 155 20.45 18.21 13.03
N ASP A 156 21.28 17.59 12.18
CA ASP A 156 20.98 17.53 10.76
C ASP A 156 19.73 16.66 10.50
N GLU A 157 19.57 15.60 11.26
CA GLU A 157 18.47 14.68 11.01
C GLU A 157 17.13 15.19 11.48
N VAL A 158 17.12 15.89 12.61
CA VAL A 158 15.89 16.56 13.11
C VAL A 158 15.55 17.69 12.14
N ASN A 159 16.55 18.46 11.72
CA ASN A 159 16.34 19.50 10.73
C ASN A 159 15.75 18.95 9.46
N GLY A 160 16.24 17.80 9.01
CA GLY A 160 15.70 17.15 7.82
C GLY A 160 14.20 16.82 7.94
N CYS A 161 13.79 16.33 9.11
CA CYS A 161 12.38 15.97 9.35
C CYS A 161 11.52 17.23 9.32
N ILE A 162 12.00 18.28 9.98
CA ILE A 162 11.31 19.56 10.04
C ILE A 162 11.12 20.11 8.63
N ARG A 163 12.20 20.07 7.83
CA ARG A 163 12.12 20.53 6.44
C ARG A 163 11.05 19.75 5.65
N LEU A 164 11.05 18.45 5.87
CA LEU A 164 10.13 17.54 5.18
C LEU A 164 8.65 17.90 5.53
N VAL A 165 8.40 18.20 6.79
CA VAL A 165 7.03 18.63 7.20
C VAL A 165 6.59 19.83 6.36
N TYR A 166 7.37 20.92 6.38
CA TYR A 166 6.96 22.13 5.64
C TYR A 166 6.93 21.88 4.14
N ASP A 167 7.87 21.08 3.63
CA ASP A 167 7.88 20.77 2.20
C ASP A 167 6.55 20.08 1.83
N MET A 168 6.22 18.99 2.54
CA MET A 168 4.98 18.28 2.20
C MET A 168 3.72 19.11 2.47
N TYR A 169 3.68 19.88 3.55
CA TYR A 169 2.47 20.66 3.88
C TYR A 169 2.25 21.77 2.85
N SER A 170 3.35 22.27 2.26
CA SER A 170 3.23 23.36 1.28
C SER A 170 2.45 22.91 0.04
N THR A 171 2.53 21.64 -0.33
CA THR A 171 1.73 21.11 -1.45
C THR A 171 0.21 21.34 -1.25
N PHE A 172 -0.24 21.34 0.01
CA PHE A 172 -1.67 21.50 0.39
C PHE A 172 -2.01 22.95 0.72
N GLY A 173 -0.99 23.79 0.67
CA GLY A 173 -1.11 25.20 1.01
C GLY A 173 -1.12 25.50 2.48
N PHE A 174 -0.63 24.56 3.31
CA PHE A 174 -0.49 24.80 4.73
C PHE A 174 0.93 25.33 4.99
N GLU A 175 1.04 26.63 5.26
CA GLU A 175 2.38 27.22 5.52
C GLU A 175 2.57 27.80 6.93
N LYS A 176 1.53 28.43 7.46
CA LYS A 176 1.58 28.94 8.84
C LYS A 176 1.14 27.81 9.79
N ILE A 177 2.07 26.95 10.22
CA ILE A 177 1.71 25.79 11.05
C ILE A 177 1.89 26.08 12.53
N VAL A 178 0.88 25.73 13.35
CA VAL A 178 1.02 25.83 14.81
C VAL A 178 1.89 24.66 15.36
N VAL A 179 2.92 25.04 16.12
CA VAL A 179 3.92 24.08 16.55
C VAL A 179 4.02 24.08 18.08
N LYS A 180 4.10 22.88 18.66
CA LYS A 180 4.26 22.68 20.12
C LYS A 180 5.43 21.75 20.38
N LEU A 181 6.06 21.94 21.55
CA LEU A 181 7.10 21.02 22.03
C LEU A 181 6.56 20.38 23.31
N SER A 182 6.20 19.10 23.21
CA SER A 182 5.61 18.37 24.32
C SER A 182 6.69 17.70 25.18
N THR A 183 6.72 18.07 26.42
CA THR A 183 7.84 17.71 27.29
C THR A 183 7.48 16.49 28.18
N ARG A 184 8.44 16.06 29.01
CA ARG A 184 8.38 14.79 29.72
C ARG A 184 7.05 14.53 30.46
N PRO A 185 6.40 13.38 30.16
CA PRO A 185 5.14 13.06 30.84
C PRO A 185 5.44 12.45 32.21
N GLU A 186 4.44 12.37 33.07
CA GLU A 186 4.61 11.84 34.42
C GLU A 186 5.07 10.40 34.44
N LYS A 187 4.52 9.58 33.54
CA LYS A 187 4.97 8.20 33.36
C LYS A 187 5.92 8.10 32.17
N ARG A 188 7.20 7.82 32.45
CA ARG A 188 8.25 7.84 31.44
C ARG A 188 9.37 6.88 31.77
N ILE A 189 10.19 6.61 30.77
CA ILE A 189 11.44 5.89 30.94
C ILE A 189 12.60 6.84 30.59
N GLY A 190 13.80 6.55 31.12
CA GLY A 190 14.96 7.39 30.83
C GLY A 190 15.21 8.40 31.94
N SER A 191 16.47 8.78 32.14
CA SER A 191 16.83 9.65 33.26
C SER A 191 16.45 11.10 32.98
N ASP A 192 16.45 11.91 34.04
CA ASP A 192 16.17 13.36 33.89
C ASP A 192 17.17 14.02 32.96
N GLU A 193 18.42 13.59 33.06
CA GLU A 193 19.52 14.09 32.23
C GLU A 193 19.27 13.83 30.74
N MET A 194 18.86 12.62 30.42
CA MET A 194 18.48 12.27 29.06
C MET A 194 17.29 13.12 28.57
N TRP A 195 16.28 13.31 29.42
CA TRP A 195 15.16 14.16 29.02
C TRP A 195 15.54 15.61 28.84
N ASP A 196 16.40 16.13 29.72
CA ASP A 196 16.88 17.53 29.56
C ASP A 196 17.55 17.71 28.21
N ARG A 197 18.40 16.76 27.84
CA ARG A 197 19.10 16.78 26.57
C ARG A 197 18.15 16.70 25.32
N ALA A 198 17.21 15.77 25.36
CA ALA A 198 16.36 15.52 24.21
C ALA A 198 15.46 16.72 24.03
N GLU A 199 14.96 17.26 25.13
CA GLU A 199 14.11 18.41 25.05
C GLU A 199 14.85 19.66 24.53
N ALA A 200 16.11 19.84 24.94
CA ALA A 200 16.90 20.97 24.44
C ALA A 200 17.18 20.78 22.96
N ASP A 201 17.59 19.57 22.57
CA ASP A 201 17.86 19.31 21.15
C ASP A 201 16.66 19.69 20.26
N LEU A 202 15.45 19.31 20.64
CA LEU A 202 14.26 19.65 19.83
C LEU A 202 13.97 21.15 19.82
N ALA A 203 14.08 21.79 20.99
CA ALA A 203 13.89 23.25 21.08
C ALA A 203 14.93 24.00 20.25
N VAL A 204 16.20 23.58 20.31
CA VAL A 204 17.27 24.23 19.52
C VAL A 204 17.01 24.09 18.02
N ALA A 205 16.54 22.91 17.60
CA ALA A 205 16.20 22.70 16.20
C ALA A 205 15.08 23.63 15.72
N LEU A 206 14.02 23.76 16.51
CA LEU A 206 12.93 24.65 16.16
C LEU A 206 13.45 26.09 16.08
N GLU A 207 14.25 26.48 17.07
CA GLU A 207 14.78 27.84 17.13
C GLU A 207 15.69 28.13 15.93
N GLU A 208 16.53 27.17 15.59
CA GLU A 208 17.45 27.26 14.43
C GLU A 208 16.66 27.42 13.11
N ASN A 209 15.50 26.79 13.04
CA ASN A 209 14.64 26.90 11.86
C ASN A 209 13.70 28.12 11.86
N ASN A 210 13.86 29.01 12.85
CA ASN A 210 12.99 30.19 13.09
C ASN A 210 11.51 29.87 13.18
N ILE A 211 11.19 28.77 13.86
CA ILE A 211 9.81 28.36 14.03
C ILE A 211 9.35 28.79 15.40
N PRO A 212 8.33 29.65 15.48
CA PRO A 212 7.75 29.94 16.80
C PRO A 212 6.99 28.75 17.35
N PHE A 213 7.15 28.48 18.64
CA PHE A 213 6.44 27.36 19.24
C PHE A 213 6.06 27.67 20.67
N GLU A 214 5.26 26.78 21.25
CA GLU A 214 4.94 26.82 22.66
C GLU A 214 5.28 25.46 23.25
N TYR A 215 5.69 25.43 24.52
CA TYR A 215 5.80 24.15 25.27
C TYR A 215 4.40 23.60 25.57
N GLN A 216 4.27 22.29 25.65
CA GLN A 216 3.03 21.70 26.12
C GLN A 216 3.49 20.76 27.20
N LEU A 217 3.36 21.14 28.41
CA LEU A 217 3.97 20.40 29.51
C LEU A 217 3.33 19.03 29.70
N GLY A 218 4.17 18.01 29.85
CA GLY A 218 3.73 16.68 30.25
C GLY A 218 3.06 15.87 29.16
N GLU A 219 3.15 16.32 27.89
CA GLU A 219 2.44 15.65 26.78
C GLU A 219 3.36 14.82 25.89
N GLY A 220 4.63 14.74 26.28
CA GLY A 220 5.59 13.90 25.52
C GLY A 220 5.27 12.41 25.53
N ALA A 221 5.93 11.65 24.66
CA ALA A 221 5.74 10.19 24.60
C ALA A 221 6.44 9.62 25.81
N PHE A 222 6.11 8.38 26.19
CA PHE A 222 6.80 7.81 27.35
C PHE A 222 8.31 7.69 27.13
N TYR A 223 8.71 7.59 25.86
CA TYR A 223 10.12 7.33 25.49
C TYR A 223 10.87 8.62 25.04
N GLY A 224 10.18 9.75 24.90
CA GLY A 224 10.87 10.96 24.46
C GLY A 224 9.95 12.13 24.17
N PRO A 225 10.53 13.34 24.07
CA PRO A 225 9.70 14.49 23.82
C PRO A 225 9.28 14.58 22.35
N LYS A 226 8.26 15.35 22.05
CA LYS A 226 7.69 15.40 20.69
C LYS A 226 7.51 16.84 20.23
N ILE A 227 8.04 17.19 19.05
CA ILE A 227 7.54 18.36 18.34
C ILE A 227 6.20 17.92 17.74
N GLU A 228 5.17 18.76 17.84
CA GLU A 228 3.84 18.49 17.26
C GLU A 228 3.48 19.58 16.30
N PHE A 229 3.09 19.17 15.10
CA PHE A 229 2.53 20.08 14.12
C PHE A 229 1.04 19.91 14.08
N THR A 230 0.32 20.95 14.41
CA THR A 230 -1.14 20.96 14.56
C THR A 230 -1.81 21.38 13.27
N LEU A 231 -2.83 20.66 12.82
CA LEU A 231 -3.77 21.20 11.82
C LEU A 231 -5.18 21.27 12.41
N TYR A 232 -6.03 22.14 11.85
CA TYR A 232 -7.33 22.40 12.43
C TYR A 232 -8.44 21.90 11.54
N ASP A 233 -9.51 21.41 12.16
CA ASP A 233 -10.67 20.96 11.38
C ASP A 233 -11.69 22.12 11.23
N CYS A 234 -12.88 21.82 10.74
CA CYS A 234 -13.91 22.85 10.51
C CYS A 234 -14.37 23.60 11.74
N LEU A 235 -14.22 23.01 12.92
CA LEU A 235 -14.61 23.65 14.17
C LEU A 235 -13.39 24.19 14.92
N ASP A 236 -12.26 24.28 14.22
CA ASP A 236 -11.00 24.73 14.78
C ASP A 236 -10.47 23.89 15.94
N ARG A 237 -10.84 22.62 15.95
CA ARG A 237 -10.27 21.70 16.94
C ARG A 237 -8.87 21.40 16.45
N ALA A 238 -7.93 21.33 17.40
CA ALA A 238 -6.51 21.13 17.11
C ALA A 238 -6.21 19.64 17.05
N TRP A 239 -5.73 19.17 15.90
CA TRP A 239 -5.35 17.75 15.70
C TRP A 239 -3.88 17.61 15.48
N GLN A 240 -3.21 16.76 16.27
CA GLN A 240 -1.80 16.44 16.00
C GLN A 240 -1.64 15.73 14.65
N CYS A 241 -0.85 16.29 13.75
CA CYS A 241 -0.61 15.63 12.49
C CYS A 241 0.89 15.28 12.44
N GLY A 242 1.72 16.17 11.94
CA GLY A 242 3.17 15.91 11.93
C GLY A 242 3.73 15.83 13.34
N THR A 243 4.73 14.96 13.51
CA THR A 243 5.41 14.90 14.82
C THR A 243 6.86 14.40 14.63
N VAL A 244 7.79 14.97 15.40
CA VAL A 244 9.21 14.60 15.30
C VAL A 244 9.66 14.42 16.76
N GLN A 245 10.25 13.28 17.05
CA GLN A 245 10.49 12.87 18.45
C GLN A 245 11.91 12.34 18.57
N LEU A 246 12.50 12.50 19.74
CA LEU A 246 13.91 12.15 19.96
C LEU A 246 13.99 11.13 21.07
N ASP A 247 14.61 9.98 20.80
CA ASP A 247 14.48 8.81 21.66
C ASP A 247 15.88 8.24 21.96
N PHE A 248 16.29 8.43 23.22
CA PHE A 248 17.54 7.89 23.75
C PHE A 248 17.28 6.64 24.59
N SER A 249 16.09 6.05 24.50
CA SER A 249 15.70 4.97 25.40
C SER A 249 15.39 3.64 24.76
N LEU A 250 14.56 3.65 23.71
CA LEU A 250 14.12 2.38 23.09
C LEU A 250 15.27 1.55 22.48
N PRO A 251 16.21 2.18 21.74
CA PRO A 251 17.26 1.35 21.13
C PRO A 251 18.06 0.51 22.14
N SER A 252 18.48 1.13 23.23
CA SER A 252 19.14 0.43 24.32
C SER A 252 18.25 -0.66 24.93
N ARG A 253 17.00 -0.35 25.22
CA ARG A 253 16.08 -1.40 25.70
C ARG A 253 15.95 -2.63 24.76
N LEU A 254 16.10 -2.40 23.45
CA LEU A 254 15.94 -3.46 22.47
C LEU A 254 17.29 -3.92 21.91
N SER A 255 18.37 -3.66 22.67
CA SER A 255 19.70 -4.13 22.33
C SER A 255 20.23 -3.71 20.95
N ALA A 256 19.86 -2.51 20.51
CA ALA A 256 20.39 -1.97 19.25
C ALA A 256 21.79 -1.40 19.44
N SER A 257 22.70 -1.75 18.56
CA SER A 257 24.05 -1.17 18.62
C SER A 257 24.66 -1.09 17.22
N TYR A 258 25.78 -0.39 17.12
CA TYR A 258 26.57 -0.32 15.87
C TYR A 258 28.03 -0.15 16.29
N VAL A 259 28.93 -0.52 15.40
CA VAL A 259 30.38 -0.36 15.63
C VAL A 259 30.79 1.04 15.22
N GLY A 260 31.34 1.81 16.14
CA GLY A 260 31.75 3.18 15.87
C GLY A 260 33.12 3.25 15.19
N GLU A 261 33.64 4.45 15.06
CA GLU A 261 34.86 4.65 14.29
C GLU A 261 36.10 4.10 14.96
N ASP A 262 36.09 4.01 16.30
CA ASP A 262 37.21 3.44 17.04
C ASP A 262 36.98 1.96 17.35
N ASN A 263 36.07 1.36 16.59
CA ASN A 263 35.67 -0.04 16.78
C ASN A 263 34.97 -0.35 18.12
N GLU A 264 34.50 0.69 18.79
CA GLU A 264 33.73 0.56 20.02
C GLU A 264 32.23 0.38 19.69
N ARG A 265 31.54 -0.40 20.53
CA ARG A 265 30.09 -0.63 20.41
C ARG A 265 29.34 0.60 20.92
N LYS A 266 28.44 1.13 20.10
CA LYS A 266 27.66 2.30 20.45
C LYS A 266 26.17 2.03 20.27
N VAL A 267 25.31 2.79 20.97
CA VAL A 267 23.88 2.64 20.81
C VAL A 267 23.38 3.81 19.91
N PRO A 268 22.65 3.53 18.84
CA PRO A 268 22.14 4.58 17.98
C PRO A 268 21.09 5.41 18.66
N VAL A 269 21.07 6.70 18.33
CA VAL A 269 19.94 7.57 18.68
C VAL A 269 18.81 7.22 17.72
N MET A 270 17.56 7.34 18.13
CA MET A 270 16.46 7.10 17.20
C MET A 270 15.54 8.32 17.18
N ILE A 271 15.33 8.86 15.99
CA ILE A 271 14.36 9.91 15.79
C ILE A 271 13.11 9.25 15.24
N HIS A 272 11.93 9.50 15.82
CA HIS A 272 10.67 9.03 15.22
C HIS A 272 10.01 10.18 14.55
N ARG A 273 9.39 9.98 13.40
CA ARG A 273 8.58 11.06 12.84
C ARG A 273 7.47 10.54 11.96
N ALA A 274 6.35 11.25 11.94
CA ALA A 274 5.31 11.00 10.91
C ALA A 274 5.03 12.40 10.36
N ILE A 275 4.81 12.53 9.06
CA ILE A 275 4.71 13.90 8.44
C ILE A 275 3.21 14.21 8.37
N LEU A 276 2.45 13.33 7.71
CA LEU A 276 1.00 13.52 7.60
C LEU A 276 0.38 13.18 8.97
N GLY A 277 0.95 12.19 9.66
CA GLY A 277 0.42 11.80 10.98
C GLY A 277 -0.19 10.42 10.89
N SER A 278 -1.50 10.34 10.78
CA SER A 278 -2.09 9.18 10.11
C SER A 278 -2.76 9.54 8.82
N MET A 279 -2.83 8.59 7.89
CA MET A 279 -3.38 8.84 6.60
C MET A 279 -4.85 9.17 6.80
N GLU A 280 -5.52 8.44 7.70
CA GLU A 280 -6.97 8.60 7.93
C GLU A 280 -7.24 10.03 8.46
N ARG A 281 -6.52 10.41 9.51
CA ARG A 281 -6.69 11.77 10.06
C ARG A 281 -6.37 12.85 9.02
N PHE A 282 -5.33 12.65 8.21
CA PHE A 282 -4.93 13.68 7.24
C PHE A 282 -6.02 13.77 6.16
N ILE A 283 -6.57 12.65 5.73
CA ILE A 283 -7.69 12.71 4.77
C ILE A 283 -8.90 13.44 5.39
N GLY A 284 -9.22 13.16 6.65
CA GLY A 284 -10.30 13.87 7.33
C GLY A 284 -10.02 15.38 7.28
N ILE A 285 -8.79 15.79 7.59
CA ILE A 285 -8.41 17.22 7.58
C ILE A 285 -8.56 17.84 6.19
N LEU A 286 -8.11 17.12 5.17
CA LEU A 286 -8.17 17.68 3.81
C LEU A 286 -9.64 17.78 3.39
N THR A 287 -10.42 16.76 3.72
CA THR A 287 -11.83 16.73 3.40
C THR A 287 -12.54 17.96 3.94
N GLU A 288 -12.30 18.30 5.20
CA GLU A 288 -12.98 19.45 5.80
C GLU A 288 -12.41 20.76 5.30
N GLU A 289 -11.09 20.83 5.20
CA GLU A 289 -10.43 22.07 4.76
C GLU A 289 -10.87 22.50 3.34
N PHE A 290 -11.01 21.53 2.44
CA PHE A 290 -11.38 21.81 1.06
C PHE A 290 -12.85 21.63 0.80
N ALA A 291 -13.62 21.32 1.84
CA ALA A 291 -15.05 21.02 1.72
C ALA A 291 -15.35 20.00 0.62
N GLY A 292 -14.46 19.00 0.51
CA GLY A 292 -14.58 17.98 -0.53
C GLY A 292 -14.05 18.33 -1.91
N PHE A 293 -13.65 19.59 -2.14
CA PHE A 293 -13.03 19.99 -3.41
C PHE A 293 -11.55 19.59 -3.39
N PHE A 294 -11.30 18.29 -3.51
CA PHE A 294 -9.94 17.82 -3.48
C PHE A 294 -9.21 18.34 -4.71
N PRO A 295 -7.92 18.70 -4.56
CA PRO A 295 -7.07 19.03 -5.70
C PRO A 295 -7.17 17.93 -6.74
N THR A 296 -7.00 18.27 -8.02
CA THR A 296 -7.22 17.32 -9.11
C THR A 296 -6.42 16.03 -8.93
N TRP A 297 -5.18 16.15 -8.52
CA TRP A 297 -4.36 14.94 -8.34
C TRP A 297 -4.90 13.95 -7.32
N LEU A 298 -5.63 14.45 -6.33
CA LEU A 298 -6.30 13.59 -5.31
C LEU A 298 -7.75 13.19 -5.63
N ALA A 299 -8.41 13.88 -6.54
CA ALA A 299 -9.85 13.70 -6.79
C ALA A 299 -10.13 12.26 -7.22
N PRO A 300 -11.08 11.57 -6.55
CA PRO A 300 -11.34 10.18 -6.93
C PRO A 300 -11.71 10.05 -8.42
N VAL A 301 -12.56 10.99 -8.92
CA VAL A 301 -12.92 11.04 -10.35
C VAL A 301 -12.49 12.44 -10.78
N GLN A 302 -11.50 12.49 -11.66
CA GLN A 302 -10.96 13.78 -12.15
C GLN A 302 -11.82 14.48 -13.22
N VAL A 303 -12.41 13.68 -14.11
CA VAL A 303 -13.19 14.18 -15.26
C VAL A 303 -14.42 13.33 -15.45
N VAL A 304 -15.55 13.98 -15.72
CA VAL A 304 -16.75 13.29 -16.20
C VAL A 304 -17.05 13.81 -17.63
N ILE A 305 -17.23 12.89 -18.58
CA ILE A 305 -17.60 13.25 -19.94
C ILE A 305 -19.09 12.88 -20.11
N MET A 306 -19.90 13.85 -20.52
CA MET A 306 -21.33 13.60 -20.65
C MET A 306 -21.86 13.91 -22.07
N ASN A 307 -22.88 13.15 -22.48
CA ASN A 307 -23.63 13.44 -23.72
C ASN A 307 -24.88 14.28 -23.45
N ILE A 308 -25.43 14.89 -24.50
CA ILE A 308 -26.75 15.51 -24.43
C ILE A 308 -27.80 14.44 -24.73
N THR A 309 -27.66 13.80 -25.89
CA THR A 309 -28.61 12.78 -26.32
C THR A 309 -27.82 11.55 -26.73
N ASP A 310 -28.54 10.48 -27.07
CA ASP A 310 -27.94 9.25 -27.60
C ASP A 310 -26.98 9.47 -28.76
N SER A 311 -27.21 10.54 -29.50
CA SER A 311 -26.40 10.90 -30.67
C SER A 311 -24.91 11.02 -30.35
N GLN A 312 -24.57 11.45 -29.13
CA GLN A 312 -23.16 11.66 -28.81
C GLN A 312 -22.54 10.56 -27.96
N SER A 313 -23.33 9.53 -27.61
CA SER A 313 -22.83 8.41 -26.81
C SER A 313 -21.56 7.77 -27.37
N GLU A 314 -21.53 7.56 -28.67
CA GLU A 314 -20.36 6.94 -29.29
C GLU A 314 -19.10 7.79 -29.10
N TYR A 315 -19.27 9.10 -29.24
CA TYR A 315 -18.18 10.07 -29.08
C TYR A 315 -17.61 10.14 -27.64
N VAL A 316 -18.51 10.30 -26.67
CA VAL A 316 -18.14 10.26 -25.24
C VAL A 316 -17.28 9.02 -24.89
N ASN A 317 -17.70 7.87 -25.38
CA ASN A 317 -17.01 6.61 -25.10
C ASN A 317 -15.57 6.61 -25.64
N GLU A 318 -15.40 7.11 -26.87
CA GLU A 318 -14.09 7.28 -27.48
C GLU A 318 -13.20 8.19 -26.64
N LEU A 319 -13.76 9.33 -26.22
CA LEU A 319 -13.05 10.29 -25.36
C LEU A 319 -12.69 9.71 -24.00
N THR A 320 -13.63 8.98 -23.40
CA THR A 320 -13.40 8.35 -22.09
C THR A 320 -12.25 7.37 -22.19
N GLN A 321 -12.28 6.53 -23.23
CA GLN A 321 -11.20 5.60 -23.44
C GLN A 321 -9.86 6.35 -23.66
N LYS A 322 -9.90 7.42 -24.45
CA LYS A 322 -8.69 8.21 -24.71
C LYS A 322 -8.13 8.86 -23.42
N LEU A 323 -9.00 9.47 -22.61
CA LEU A 323 -8.52 10.06 -21.35
C LEU A 323 -8.00 9.01 -20.38
N SER A 324 -8.69 7.89 -20.32
CA SER A 324 -8.25 6.76 -19.50
C SER A 324 -6.85 6.24 -19.90
N ASN A 325 -6.59 6.05 -21.19
CA ASN A 325 -5.23 5.65 -21.61
C ASN A 325 -4.18 6.72 -21.28
N ALA A 326 -4.60 7.99 -21.24
CA ALA A 326 -3.70 9.07 -20.87
C ALA A 326 -3.48 9.18 -19.34
N GLY A 327 -4.01 8.21 -18.60
CA GLY A 327 -3.73 8.10 -17.16
C GLY A 327 -4.67 8.90 -16.29
N ILE A 328 -5.73 9.46 -16.88
CA ILE A 328 -6.67 10.32 -16.13
C ILE A 328 -7.82 9.45 -15.56
N ARG A 329 -8.25 9.74 -14.33
CA ARG A 329 -9.44 9.09 -13.77
C ARG A 329 -10.71 9.72 -14.32
N VAL A 330 -11.36 9.02 -15.23
CA VAL A 330 -12.45 9.58 -16.07
C VAL A 330 -13.67 8.65 -16.08
N LYS A 331 -14.86 9.22 -16.05
CA LYS A 331 -16.10 8.45 -16.13
C LYS A 331 -16.99 9.06 -17.22
N ALA A 332 -17.80 8.24 -17.86
CA ALA A 332 -18.80 8.74 -18.81
C ALA A 332 -20.16 8.81 -18.13
N ASP A 333 -20.96 9.80 -18.48
CA ASP A 333 -22.30 9.93 -17.94
C ASP A 333 -23.21 10.01 -19.16
N LEU A 334 -23.78 8.86 -19.50
CA LEU A 334 -24.51 8.71 -20.74
C LEU A 334 -26.02 8.86 -20.54
N ARG A 335 -26.43 9.10 -19.31
CA ARG A 335 -27.85 9.08 -18.90
C ARG A 335 -28.78 10.02 -19.68
N ASN A 336 -30.04 9.61 -19.84
CA ASN A 336 -31.04 10.51 -20.41
C ASN A 336 -31.46 11.56 -19.40
N GLU A 337 -30.57 12.51 -19.14
CA GLU A 337 -30.86 13.59 -18.20
C GLU A 337 -30.43 14.90 -18.81
N LYS A 338 -31.08 15.97 -18.40
CA LYS A 338 -30.67 17.29 -18.84
C LYS A 338 -29.21 17.59 -18.42
N ILE A 339 -28.52 18.33 -19.27
CA ILE A 339 -27.17 18.80 -19.04
C ILE A 339 -26.97 19.47 -17.64
N GLY A 340 -27.88 20.36 -17.24
CA GLY A 340 -27.81 20.98 -15.92
C GLY A 340 -27.98 20.03 -14.74
N PHE A 341 -28.77 18.97 -14.93
CA PHE A 341 -29.01 17.94 -13.90
C PHE A 341 -27.69 17.19 -13.65
N LYS A 342 -26.99 16.91 -14.74
CA LYS A 342 -25.73 16.17 -14.69
C LYS A 342 -24.64 17.01 -14.01
N ILE A 343 -24.55 18.28 -14.43
CA ILE A 343 -23.56 19.17 -13.85
C ILE A 343 -23.75 19.34 -12.35
N ARG A 344 -25.01 19.47 -11.91
CA ARG A 344 -25.28 19.58 -10.47
C ARG A 344 -24.85 18.31 -9.73
N GLU A 345 -25.17 17.13 -10.27
CA GLU A 345 -24.76 15.89 -9.62
C GLU A 345 -23.26 15.79 -9.49
N HIS A 346 -22.54 16.00 -10.60
CA HIS A 346 -21.10 15.84 -10.58
C HIS A 346 -20.40 16.96 -9.84
N THR A 347 -21.07 18.11 -9.69
CA THR A 347 -20.60 19.12 -8.75
C THR A 347 -20.74 18.66 -7.30
N LEU A 348 -21.86 18.03 -6.94
CA LEU A 348 -22.01 17.49 -5.57
C LEU A 348 -20.99 16.40 -5.33
N ARG A 349 -20.68 15.66 -6.41
CA ARG A 349 -19.60 14.67 -6.36
C ARG A 349 -18.19 15.30 -6.45
N ARG A 350 -18.11 16.64 -6.53
CA ARG A 350 -16.81 17.34 -6.49
C ARG A 350 -15.84 16.98 -7.63
N VAL A 351 -16.40 16.65 -8.80
CA VAL A 351 -15.57 16.26 -9.95
C VAL A 351 -14.93 17.54 -10.52
N PRO A 352 -13.59 17.62 -10.55
CA PRO A 352 -12.98 18.86 -11.08
C PRO A 352 -13.51 19.37 -12.40
N TYR A 353 -13.53 18.52 -13.43
CA TYR A 353 -13.88 18.96 -14.79
C TYR A 353 -14.97 18.12 -15.36
N MET A 354 -15.90 18.79 -16.03
CA MET A 354 -17.00 18.15 -16.73
C MET A 354 -16.93 18.57 -18.19
N LEU A 355 -16.86 17.59 -19.07
CA LEU A 355 -16.73 17.78 -20.51
C LEU A 355 -18.05 17.44 -21.17
N VAL A 356 -18.69 18.48 -21.69
CA VAL A 356 -20.03 18.40 -22.28
C VAL A 356 -19.87 18.22 -23.78
N CYS A 357 -20.59 17.24 -24.32
CA CYS A 357 -20.45 16.82 -25.72
C CYS A 357 -21.82 16.86 -26.41
N GLY A 358 -22.04 17.92 -27.20
CA GLY A 358 -23.21 18.02 -28.04
C GLY A 358 -22.81 17.71 -29.46
N ASP A 359 -23.75 17.89 -30.39
CA ASP A 359 -23.50 17.62 -31.82
C ASP A 359 -22.31 18.41 -32.37
N LYS A 360 -22.23 19.70 -32.02
CA LYS A 360 -21.15 20.56 -32.48
C LYS A 360 -19.78 20.13 -31.99
N GLU A 361 -19.69 19.57 -30.78
CA GLU A 361 -18.47 18.97 -30.26
C GLU A 361 -18.07 17.68 -31.01
N VAL A 362 -19.04 16.84 -31.32
CA VAL A 362 -18.79 15.64 -32.12
C VAL A 362 -18.18 16.05 -33.48
N GLU A 363 -18.77 17.08 -34.11
CA GLU A 363 -18.32 17.62 -35.40
C GLU A 363 -16.86 18.06 -35.40
N SER A 364 -16.51 18.89 -34.43
CA SER A 364 -15.25 19.61 -34.44
C SER A 364 -14.14 18.86 -33.72
N GLY A 365 -14.50 17.73 -33.11
CA GLY A 365 -13.55 16.94 -32.30
C GLY A 365 -13.12 17.63 -31.01
N LYS A 366 -13.96 18.53 -30.52
CA LYS A 366 -13.64 19.30 -29.32
C LYS A 366 -14.56 18.90 -28.15
N VAL A 367 -14.42 19.60 -27.02
CA VAL A 367 -15.29 19.44 -25.83
C VAL A 367 -15.58 20.78 -25.14
N ALA A 368 -16.82 20.96 -24.68
CA ALA A 368 -17.15 22.14 -23.85
C ALA A 368 -16.84 21.86 -22.37
N VAL A 369 -15.94 22.64 -21.79
CA VAL A 369 -15.38 22.38 -20.48
C VAL A 369 -16.08 23.22 -19.41
N ARG A 370 -16.58 22.54 -18.37
CA ARG A 370 -17.10 23.18 -17.16
C ARG A 370 -16.32 22.71 -15.96
N THR A 371 -16.43 23.44 -14.87
CA THR A 371 -15.79 23.03 -13.64
C THR A 371 -16.85 22.90 -12.56
N ARG A 372 -16.47 22.21 -11.52
CA ARG A 372 -17.23 22.07 -10.25
C ARG A 372 -17.37 23.37 -9.47
N ARG A 373 -16.74 24.45 -9.95
CA ARG A 373 -16.87 25.77 -9.29
C ARG A 373 -17.83 26.66 -10.05
N GLY A 374 -18.49 26.10 -11.06
CA GLY A 374 -19.49 26.83 -11.81
C GLY A 374 -18.95 27.54 -13.05
N LYS A 375 -17.68 27.31 -13.36
CA LYS A 375 -16.98 28.13 -14.35
C LYS A 375 -17.05 27.46 -15.70
N ASP A 376 -17.35 28.26 -16.71
CA ASP A 376 -17.50 27.83 -18.08
C ASP A 376 -16.19 28.14 -18.78
N LEU A 377 -15.41 27.10 -19.11
CA LEU A 377 -14.11 27.32 -19.75
C LEU A 377 -14.15 27.21 -21.29
N GLY A 378 -15.35 27.23 -21.89
CA GLY A 378 -15.49 27.26 -23.35
C GLY A 378 -15.21 25.91 -23.99
N SER A 379 -15.09 25.85 -25.32
CA SER A 379 -14.55 24.63 -25.93
C SER A 379 -13.03 24.63 -26.04
N MET A 380 -12.46 23.44 -25.94
CA MET A 380 -11.02 23.24 -26.02
C MET A 380 -10.85 21.97 -26.84
N ASP A 381 -9.66 21.80 -27.41
CA ASP A 381 -9.32 20.58 -28.09
C ASP A 381 -9.07 19.47 -27.08
N VAL A 382 -9.41 18.25 -27.47
CA VAL A 382 -9.25 17.09 -26.58
C VAL A 382 -7.82 16.98 -26.09
N ASN A 383 -6.87 17.10 -27.02
CA ASN A 383 -5.47 16.96 -26.70
C ASN A 383 -5.01 18.06 -25.77
N GLU A 384 -5.60 19.25 -25.92
CA GLU A 384 -5.30 20.39 -25.07
C GLU A 384 -5.77 20.13 -23.64
N VAL A 385 -7.01 19.67 -23.49
CA VAL A 385 -7.54 19.24 -22.19
C VAL A 385 -6.66 18.16 -21.54
N ILE A 386 -6.25 17.16 -22.30
CA ILE A 386 -5.42 16.09 -21.77
C ILE A 386 -4.09 16.62 -21.23
N GLU A 387 -3.38 17.40 -22.02
CA GLU A 387 -2.11 17.97 -21.59
C GLU A 387 -2.25 18.86 -20.38
N LYS A 388 -3.32 19.65 -20.34
CA LYS A 388 -3.52 20.55 -19.21
C LYS A 388 -3.85 19.75 -17.93
N LEU A 389 -4.69 18.72 -18.05
CA LEU A 389 -4.97 17.83 -16.91
C LEU A 389 -3.72 17.09 -16.45
N GLN A 390 -2.97 16.52 -17.39
CA GLN A 390 -1.71 15.84 -17.08
C GLN A 390 -0.78 16.78 -16.32
N GLN A 391 -0.69 18.04 -16.73
CA GLN A 391 0.22 18.96 -16.04
C GLN A 391 -0.32 19.29 -14.64
N GLU A 392 -1.62 19.47 -14.53
CA GLU A 392 -2.23 19.74 -13.23
C GLU A 392 -1.98 18.57 -12.27
N ILE A 393 -2.07 17.35 -12.79
CA ILE A 393 -1.87 16.15 -11.99
C ILE A 393 -0.38 15.97 -11.64
N ARG A 394 0.51 16.09 -12.62
CA ARG A 394 1.92 15.83 -12.36
C ARG A 394 2.55 16.86 -11.39
N SER A 395 2.06 18.10 -11.44
CA SER A 395 2.59 19.15 -10.58
C SER A 395 1.86 19.15 -9.24
N ARG A 396 0.86 18.28 -9.10
CA ARG A 396 -0.01 18.24 -7.89
C ARG A 396 -0.51 19.62 -7.52
N SER A 397 -1.01 20.34 -8.54
CA SER A 397 -1.42 21.72 -8.38
C SER A 397 -2.63 21.82 -7.44
N LEU A 398 -2.54 22.77 -6.51
CA LEU A 398 -3.65 23.10 -5.62
C LEU A 398 -4.85 23.68 -6.32
N LYS A 399 -4.62 24.37 -7.44
CA LYS A 399 -5.70 25.10 -8.10
C LYS A 399 -5.83 24.73 -9.55
N GLN A 400 -7.03 24.94 -10.07
CA GLN A 400 -7.53 24.45 -11.35
C GLN A 400 -7.12 25.41 -12.47
N LEU A 401 -7.46 25.03 -13.72
CA LEU A 401 -7.31 25.90 -14.91
C LEU A 401 -8.04 27.23 -14.77
N GLU A 402 -7.28 28.33 -14.88
CA GLU A 402 -7.83 29.71 -14.89
C GLU A 402 -8.45 30.11 -13.53
N GLU A 403 -7.94 29.55 -12.44
CA GLU A 403 -8.51 29.75 -11.12
C GLU A 403 -7.57 30.45 -10.13
N LEU A 404 -8.11 31.42 -9.42
CA LEU A 404 -7.36 32.29 -8.52
C LEU A 404 -7.17 31.65 -7.15
N GLU A 405 -8.27 31.12 -6.60
CA GLU A 405 -8.32 30.61 -5.24
C GLU A 405 -9.16 29.33 -5.16
N HIS A 406 -8.53 28.21 -4.80
CA HIS A 406 -9.25 26.96 -4.54
C HIS A 406 -10.10 27.14 -3.31
N HIS A 407 -11.12 26.30 -3.15
CA HIS A 407 -11.92 26.32 -1.93
C HIS A 407 -11.08 25.87 -0.78
N HIS A 408 -10.94 26.72 0.22
CA HIS A 408 -10.32 26.31 1.48
C HIS A 408 -10.82 27.17 2.60
N HIS A 409 -11.16 26.52 3.71
CA HIS A 409 -11.76 27.19 4.86
C HIS A 409 -10.87 28.18 5.57
N HIS A 410 -9.58 27.88 5.69
CA HIS A 410 -8.67 28.76 6.44
C HIS A 410 -7.79 29.55 5.50
N HIS A 411 -8.10 30.84 5.38
CA HIS A 411 -7.26 31.77 4.65
C HIS A 411 -6.30 32.43 5.61
N ARG B 3 18.05 -24.41 -4.73
CA ARG B 3 18.24 -23.18 -3.89
C ARG B 3 16.97 -22.68 -3.15
N ASP B 4 17.11 -22.51 -1.84
CA ASP B 4 16.07 -22.36 -0.85
C ASP B 4 15.80 -20.86 -0.72
N HIS B 5 14.54 -20.44 -0.84
CA HIS B 5 14.21 -19.01 -0.69
C HIS B 5 14.62 -18.42 0.64
N ARG B 6 14.64 -19.25 1.69
CA ARG B 6 15.03 -18.76 3.00
C ARG B 6 16.50 -18.36 3.07
N LYS B 7 17.36 -19.14 2.43
CA LYS B 7 18.78 -18.83 2.41
C LYS B 7 19.01 -17.63 1.50
N ILE B 8 18.40 -17.63 0.32
CA ILE B 8 18.51 -16.50 -0.60
C ILE B 8 17.93 -15.22 0.02
N GLY B 9 16.80 -15.34 0.71
CA GLY B 9 16.18 -14.19 1.40
C GLY B 9 17.14 -13.58 2.42
N LYS B 10 17.91 -14.41 3.14
CA LYS B 10 18.93 -13.86 4.04
C LYS B 10 20.07 -13.22 3.25
N GLN B 11 20.60 -13.93 2.25
CA GLN B 11 21.74 -13.41 1.48
C GLN B 11 21.47 -12.07 0.79
N LEU B 12 20.23 -11.86 0.34
CA LEU B 12 19.91 -10.67 -0.42
C LEU B 12 19.18 -9.64 0.46
N ASP B 13 19.17 -9.89 1.77
CA ASP B 13 18.62 -9.00 2.78
C ASP B 13 17.16 -8.65 2.45
N LEU B 14 16.39 -9.66 2.07
CA LEU B 14 14.99 -9.44 1.65
C LEU B 14 14.02 -9.35 2.81
N TYR B 15 14.20 -10.16 3.84
CA TYR B 15 13.23 -10.28 4.92
C TYR B 15 13.90 -11.05 6.05
N HIS B 16 13.27 -11.09 7.23
CA HIS B 16 13.69 -12.07 8.24
C HIS B 16 12.45 -12.45 9.02
N MET B 17 12.56 -13.52 9.80
CA MET B 17 11.56 -13.90 10.77
C MET B 17 12.25 -14.14 12.13
N GLN B 18 11.52 -14.06 13.23
CA GLN B 18 12.10 -14.25 14.58
C GLN B 18 11.10 -15.01 15.36
N GLU B 19 11.58 -15.66 16.43
CA GLU B 19 10.70 -16.38 17.33
C GLU B 19 9.78 -15.49 18.15
N GLU B 20 10.09 -14.20 18.35
CA GLU B 20 9.07 -13.36 19.00
C GLU B 20 7.84 -13.07 18.10
N ALA B 21 7.88 -13.55 16.86
CA ALA B 21 6.67 -13.43 16.04
C ALA B 21 6.56 -14.59 15.04
N PRO B 22 6.23 -15.79 15.53
CA PRO B 22 6.25 -16.96 14.62
C PRO B 22 5.35 -16.75 13.40
N GLY B 23 5.86 -17.08 12.21
CA GLY B 23 5.05 -16.97 11.00
C GLY B 23 4.68 -15.56 10.62
N MET B 24 5.49 -14.62 11.05
CA MET B 24 5.13 -13.22 10.80
C MET B 24 6.27 -12.54 10.05
N VAL B 25 6.15 -11.96 8.93
CA VAL B 25 7.31 -11.59 8.14
C VAL B 25 7.72 -10.16 8.44
N PHE B 26 9.03 -9.93 8.54
CA PHE B 26 9.57 -8.58 8.57
C PHE B 26 10.18 -8.36 7.21
N TRP B 27 9.53 -7.54 6.38
CA TRP B 27 10.08 -7.19 5.07
C TRP B 27 11.10 -6.10 5.17
N HIS B 28 12.35 -6.42 4.80
CA HIS B 28 13.39 -5.40 4.73
C HIS B 28 13.22 -4.56 3.48
N ASN B 29 14.01 -3.50 3.33
CA ASN B 29 13.80 -2.60 2.21
C ASN B 29 13.75 -3.35 0.88
N ASP B 30 14.75 -4.20 0.63
CA ASP B 30 14.84 -4.85 -0.67
C ASP B 30 13.72 -5.86 -0.93
N GLY B 31 13.30 -6.61 0.09
CA GLY B 31 12.19 -7.52 -0.15
C GLY B 31 10.87 -6.77 -0.37
N TRP B 32 10.70 -5.68 0.39
CA TRP B 32 9.53 -4.85 0.29
C TRP B 32 9.44 -4.21 -1.08
N THR B 33 10.59 -3.88 -1.67
CA THR B 33 10.60 -3.35 -3.05
C THR B 33 9.97 -4.35 -4.05
N ILE B 34 10.33 -5.63 -3.88
CA ILE B 34 9.74 -6.70 -4.70
C ILE B 34 8.22 -6.78 -4.49
N PHE B 35 7.81 -6.79 -3.22
CA PHE B 35 6.37 -6.84 -2.85
C PHE B 35 5.63 -5.68 -3.52
N ARG B 36 6.17 -4.47 -3.39
CA ARG B 36 5.53 -3.28 -3.97
C ARG B 36 5.42 -3.33 -5.51
N GLU B 37 6.48 -3.83 -6.16
CA GLU B 37 6.48 -3.97 -7.60
C GLU B 37 5.41 -4.98 -8.04
N LEU B 38 5.24 -6.05 -7.25
CA LEU B 38 4.15 -7.00 -7.55
C LEU B 38 2.79 -6.35 -7.40
N GLU B 39 2.64 -5.52 -6.38
CA GLU B 39 1.38 -4.73 -6.26
C GLU B 39 1.11 -3.82 -7.42
N VAL B 40 2.14 -3.15 -7.93
CA VAL B 40 2.01 -2.31 -9.12
C VAL B 40 1.57 -3.11 -10.33
N PHE B 41 2.20 -4.28 -10.52
CA PHE B 41 1.85 -5.16 -11.60
C PHE B 41 0.38 -5.61 -11.51
N VAL B 42 -0.01 -6.14 -10.35
CA VAL B 42 -1.40 -6.57 -10.12
C VAL B 42 -2.37 -5.42 -10.45
N ARG B 43 -2.12 -4.23 -9.86
CA ARG B 43 -2.98 -3.07 -10.13
C ARG B 43 -3.13 -2.75 -11.63
N SER B 44 -2.03 -2.86 -12.38
CA SER B 44 -2.09 -2.54 -13.81
C SER B 44 -2.99 -3.54 -14.55
N LYS B 45 -2.94 -4.79 -14.12
CA LYS B 45 -3.77 -5.82 -14.72
C LYS B 45 -5.23 -5.64 -14.32
N LEU B 46 -5.47 -5.21 -13.09
CA LEU B 46 -6.86 -5.10 -12.64
C LEU B 46 -7.52 -3.84 -13.21
N LYS B 47 -6.71 -2.84 -13.53
CA LYS B 47 -7.20 -1.71 -14.30
C LYS B 47 -7.86 -2.19 -15.60
N GLU B 48 -7.16 -2.99 -16.41
CA GLU B 48 -7.76 -3.41 -17.70
C GLU B 48 -9.00 -4.25 -17.50
N TYR B 49 -8.96 -5.12 -16.49
CA TYR B 49 -10.08 -6.06 -16.26
C TYR B 49 -11.20 -5.40 -15.42
N GLN B 50 -11.07 -4.08 -15.18
CA GLN B 50 -12.05 -3.17 -14.54
C GLN B 50 -12.45 -3.32 -13.03
N TYR B 51 -11.51 -3.78 -12.25
CA TYR B 51 -11.77 -3.97 -10.83
C TYR B 51 -11.79 -2.66 -10.03
N GLN B 52 -12.68 -2.55 -9.07
CA GLN B 52 -12.49 -1.59 -7.96
C GLN B 52 -11.35 -2.07 -7.02
N GLU B 53 -10.84 -1.17 -6.20
CA GLU B 53 -9.91 -1.56 -5.14
C GLU B 53 -10.31 -0.89 -3.86
N VAL B 54 -10.47 -1.71 -2.83
CA VAL B 54 -10.96 -1.27 -1.55
C VAL B 54 -10.00 -1.69 -0.43
N LYS B 55 -10.34 -1.29 0.82
CA LYS B 55 -9.63 -1.77 2.00
C LYS B 55 -10.59 -1.99 3.13
N GLY B 56 -10.72 -3.25 3.57
CA GLY B 56 -11.59 -3.57 4.70
C GLY B 56 -10.88 -3.48 6.05
N PRO B 57 -11.66 -3.47 7.16
CA PRO B 57 -11.13 -3.43 8.50
C PRO B 57 -10.38 -4.73 8.87
N PHE B 58 -9.37 -4.56 9.71
CA PHE B 58 -8.51 -5.63 10.13
C PHE B 58 -9.26 -6.58 11.05
N MET B 59 -10.23 -6.09 11.77
CA MET B 59 -11.00 -7.00 12.60
C MET B 59 -12.45 -6.58 12.64
N MET B 60 -13.31 -7.55 12.95
CA MET B 60 -14.76 -7.36 13.02
C MET B 60 -15.32 -8.22 14.12
N ASP B 61 -16.49 -7.83 14.64
CA ASP B 61 -17.15 -8.52 15.73
C ASP B 61 -17.29 -10.03 15.44
N ARG B 62 -17.00 -10.85 16.44
CA ARG B 62 -17.25 -12.31 16.36
C ARG B 62 -18.67 -12.63 15.86
N VAL B 63 -19.62 -11.80 16.24
CA VAL B 63 -21.02 -11.96 15.79
C VAL B 63 -21.16 -12.05 14.28
N LEU B 64 -20.42 -11.20 13.58
CA LEU B 64 -20.42 -11.19 12.14
C LEU B 64 -19.81 -12.50 11.59
N TRP B 65 -18.72 -12.99 12.21
CA TRP B 65 -18.08 -14.24 11.76
C TRP B 65 -18.92 -15.43 12.11
N GLU B 66 -19.76 -15.31 13.13
CA GLU B 66 -20.77 -16.35 13.41
C GLU B 66 -21.81 -16.45 12.31
N LYS B 67 -22.24 -15.32 11.76
CA LYS B 67 -23.24 -15.26 10.69
C LYS B 67 -22.77 -15.93 9.40
N THR B 68 -21.48 -15.77 9.10
CA THR B 68 -20.97 -16.28 7.84
C THR B 68 -20.76 -17.79 7.90
N GLY B 69 -20.72 -18.37 9.10
CA GLY B 69 -20.30 -19.74 9.19
C GLY B 69 -18.84 -19.88 9.50
N HIS B 70 -18.08 -18.76 9.48
CA HIS B 70 -16.64 -18.84 9.81
C HIS B 70 -16.39 -19.31 11.22
N TRP B 71 -17.23 -18.90 12.16
CA TRP B 71 -17.05 -19.35 13.55
C TRP B 71 -17.17 -20.86 13.66
N ASP B 72 -18.22 -21.42 13.07
CA ASP B 72 -18.45 -22.87 13.17
C ASP B 72 -17.52 -23.70 12.29
N ASN B 73 -17.06 -23.12 11.17
CA ASN B 73 -16.28 -23.85 10.16
C ASN B 73 -14.84 -23.43 10.07
N TYR B 74 -14.46 -22.40 10.81
CA TYR B 74 -13.14 -21.84 10.64
C TYR B 74 -12.55 -21.37 11.96
N LYS B 75 -13.12 -21.83 13.08
CA LYS B 75 -12.80 -21.27 14.41
C LYS B 75 -11.33 -21.35 14.76
N ASP B 76 -10.71 -22.53 14.59
CA ASP B 76 -9.37 -22.77 15.12
C ASP B 76 -8.29 -21.93 14.45
N ALA B 77 -8.56 -21.48 13.22
CA ALA B 77 -7.61 -20.66 12.46
C ALA B 77 -7.63 -19.21 12.87
N MET B 78 -8.63 -18.80 13.64
CA MET B 78 -8.86 -17.36 13.84
C MET B 78 -8.19 -16.84 15.08
N PHE B 79 -7.46 -15.73 14.96
CA PHE B 79 -7.00 -14.98 16.11
C PHE B 79 -8.15 -14.11 16.63
N THR B 80 -8.36 -14.09 17.96
CA THR B 80 -9.39 -13.22 18.51
C THR B 80 -8.78 -12.22 19.49
N THR B 81 -9.48 -11.10 19.65
CA THR B 81 -9.08 -10.06 20.60
C THR B 81 -10.36 -9.39 21.12
N SER B 82 -10.25 -8.67 22.23
CA SER B 82 -11.42 -8.05 22.86
C SER B 82 -11.27 -6.57 23.08
N SER B 83 -12.41 -5.88 23.13
CA SER B 83 -12.45 -4.50 23.61
C SER B 83 -13.83 -4.21 24.18
N GLU B 84 -13.88 -3.59 25.36
CA GLU B 84 -15.17 -3.22 25.97
C GLU B 84 -16.21 -4.37 25.91
N ASN B 85 -15.76 -5.57 26.29
CA ASN B 85 -16.64 -6.74 26.47
C ASN B 85 -17.21 -7.28 25.17
N ARG B 86 -16.58 -6.87 24.08
CA ARG B 86 -16.92 -7.40 22.78
C ARG B 86 -15.71 -8.15 22.23
N GLU B 87 -15.97 -9.33 21.66
CA GLU B 87 -14.94 -10.14 21.03
C GLU B 87 -14.85 -9.89 19.50
N TYR B 88 -13.61 -9.75 19.00
CA TYR B 88 -13.36 -9.49 17.57
C TYR B 88 -12.50 -10.58 16.99
N CYS B 89 -12.74 -10.92 15.73
CA CYS B 89 -11.82 -11.79 15.01
C CYS B 89 -10.95 -10.92 14.12
N ILE B 90 -9.64 -11.16 14.17
CA ILE B 90 -8.73 -10.61 13.15
C ILE B 90 -9.03 -11.38 11.85
N LYS B 91 -9.23 -10.67 10.73
CA LYS B 91 -9.80 -11.34 9.57
C LYS B 91 -8.86 -12.38 9.03
N PRO B 92 -9.37 -13.60 8.78
CA PRO B 92 -8.59 -14.62 8.09
C PRO B 92 -8.90 -14.56 6.57
N MET B 93 -9.94 -13.80 6.19
CA MET B 93 -10.36 -13.65 4.78
C MET B 93 -10.94 -12.25 4.59
N ASN B 94 -10.99 -11.79 3.35
CA ASN B 94 -11.44 -10.43 3.06
C ASN B 94 -12.88 -10.38 2.60
N CYS B 95 -13.49 -11.55 2.32
CA CYS B 95 -14.81 -11.64 1.67
C CYS B 95 -15.90 -10.92 2.49
N PRO B 96 -16.01 -11.22 3.80
CA PRO B 96 -17.11 -10.58 4.52
C PRO B 96 -17.04 -9.06 4.51
N GLY B 97 -15.82 -8.51 4.63
CA GLY B 97 -15.65 -7.04 4.47
C GLY B 97 -16.10 -6.52 3.10
N HIS B 98 -15.79 -7.25 2.03
CA HIS B 98 -16.28 -6.87 0.72
C HIS B 98 -17.79 -6.85 0.62
N VAL B 99 -18.46 -7.83 1.20
CA VAL B 99 -19.91 -7.84 1.18
C VAL B 99 -20.46 -6.61 1.94
N GLN B 100 -19.81 -6.27 3.06
CA GLN B 100 -20.21 -5.12 3.82
C GLN B 100 -20.17 -3.86 2.97
N ILE B 101 -19.13 -3.75 2.15
CA ILE B 101 -19.00 -2.61 1.27
C ILE B 101 -20.05 -2.68 0.16
N PHE B 102 -20.24 -3.86 -0.44
CA PHE B 102 -21.33 -4.08 -1.43
C PHE B 102 -22.69 -3.65 -0.84
N ASN B 103 -22.91 -3.94 0.43
CA ASN B 103 -24.17 -3.64 1.08
C ASN B 103 -24.40 -2.14 1.33
N GLN B 104 -23.38 -1.29 1.11
CA GLN B 104 -23.57 0.16 1.24
C GLN B 104 -24.09 0.74 -0.07
N GLY B 105 -25.35 1.17 -0.07
CA GLY B 105 -25.93 1.75 -1.27
C GLY B 105 -26.69 0.69 -2.05
N LEU B 106 -27.88 1.03 -2.52
CA LEU B 106 -28.72 0.14 -3.30
C LEU B 106 -28.01 -0.29 -4.56
N LYS B 107 -28.09 -1.58 -4.90
CA LYS B 107 -27.45 -2.09 -6.09
C LYS B 107 -28.48 -2.64 -7.10
N SER B 108 -28.18 -2.52 -8.39
CA SER B 108 -29.01 -3.18 -9.38
C SER B 108 -28.16 -3.95 -10.36
N TYR B 109 -28.82 -4.56 -11.33
CA TYR B 109 -28.16 -5.32 -12.38
C TYR B 109 -27.16 -4.47 -13.12
N ARG B 110 -27.42 -3.16 -13.19
CA ARG B 110 -26.52 -2.18 -13.80
C ARG B 110 -25.14 -2.16 -13.18
N ASP B 111 -25.05 -2.59 -11.93
CA ASP B 111 -23.77 -2.55 -11.20
C ASP B 111 -22.97 -3.83 -11.38
N LEU B 112 -23.59 -4.84 -12.01
CA LEU B 112 -22.99 -6.18 -12.11
C LEU B 112 -22.47 -6.43 -13.52
N PRO B 113 -21.38 -7.19 -13.64
CA PRO B 113 -20.51 -7.77 -12.58
C PRO B 113 -19.76 -6.67 -11.83
N LEU B 114 -19.76 -6.73 -10.51
CA LEU B 114 -19.01 -5.76 -9.72
C LEU B 114 -17.77 -6.50 -9.26
N ARG B 115 -16.58 -6.04 -9.68
CA ARG B 115 -15.33 -6.76 -9.39
C ARG B 115 -14.56 -5.95 -8.38
N MET B 116 -14.43 -6.50 -7.17
CA MET B 116 -13.92 -5.76 -6.01
C MET B 116 -12.64 -6.38 -5.48
N ALA B 117 -11.52 -5.67 -5.65
CA ALA B 117 -10.21 -6.22 -5.30
C ALA B 117 -9.65 -5.58 -4.01
N GLU B 118 -8.76 -6.29 -3.34
CA GLU B 118 -8.09 -5.75 -2.16
C GLU B 118 -6.79 -6.52 -1.99
N PHE B 119 -5.71 -5.81 -1.67
CA PHE B 119 -4.52 -6.50 -1.14
C PHE B 119 -4.80 -6.68 0.33
N GLY B 120 -5.35 -7.83 0.67
CA GLY B 120 -5.99 -8.01 1.97
C GLY B 120 -5.15 -8.78 2.94
N SER B 121 -4.77 -8.12 4.04
CA SER B 121 -3.91 -8.80 5.05
C SER B 121 -4.75 -9.76 5.85
N CYS B 122 -4.39 -11.03 5.81
CA CYS B 122 -5.10 -12.06 6.55
C CYS B 122 -4.22 -12.62 7.66
N HIS B 123 -4.84 -13.08 8.75
CA HIS B 123 -4.07 -13.83 9.75
C HIS B 123 -4.78 -15.12 9.99
N ARG B 124 -4.02 -16.21 9.96
CA ARG B 124 -4.55 -17.56 10.24
C ARG B 124 -3.54 -18.22 11.16
N ASN B 125 -4.06 -18.74 12.28
CA ASN B 125 -3.24 -19.26 13.35
C ASN B 125 -2.75 -20.67 13.09
N GLU B 126 -1.85 -20.79 12.12
CA GLU B 126 -1.28 -22.06 11.71
C GLU B 126 -0.46 -22.69 12.85
N PRO B 127 -0.65 -24.00 13.12
CA PRO B 127 0.23 -24.65 14.08
C PRO B 127 1.72 -24.35 13.77
N SER B 128 2.46 -24.01 14.79
CA SER B 128 3.84 -23.64 14.58
C SER B 128 4.70 -24.74 13.93
N GLY B 129 4.40 -26.02 14.16
CA GLY B 129 5.17 -27.09 13.52
C GLY B 129 4.98 -27.20 12.01
N SER B 130 4.02 -26.47 11.47
CA SER B 130 3.66 -26.50 10.02
C SER B 130 4.21 -25.29 9.24
N LEU B 131 4.82 -24.34 9.96
CA LEU B 131 5.29 -23.12 9.33
C LEU B 131 6.49 -23.43 8.45
N HIS B 132 6.66 -22.71 7.35
CA HIS B 132 7.80 -22.91 6.46
C HIS B 132 8.09 -21.67 5.68
N GLY B 133 9.17 -20.97 6.07
CA GLY B 133 9.69 -19.84 5.29
C GLY B 133 8.57 -18.85 5.01
N LEU B 134 8.50 -18.39 3.75
CA LEU B 134 7.46 -17.47 3.27
C LEU B 134 6.27 -18.23 2.70
N MET B 135 6.43 -19.54 2.53
CA MET B 135 5.40 -20.40 1.90
C MET B 135 4.18 -20.63 2.78
N ARG B 136 4.42 -20.84 4.06
CA ARG B 136 3.36 -21.09 5.05
C ARG B 136 3.68 -20.27 6.28
N VAL B 137 2.95 -19.15 6.42
CA VAL B 137 3.18 -18.15 7.49
C VAL B 137 1.87 -18.00 8.28
N ARG B 138 1.83 -17.12 9.28
CA ARG B 138 0.55 -16.84 9.96
C ARG B 138 -0.09 -15.51 9.44
N GLY B 139 0.73 -14.52 9.05
CA GLY B 139 0.19 -13.24 8.57
C GLY B 139 0.65 -13.08 7.13
N PHE B 140 -0.28 -12.99 6.19
CA PHE B 140 0.10 -12.87 4.77
C PHE B 140 -0.91 -11.95 4.08
N THR B 141 -0.60 -11.53 2.86
CA THR B 141 -1.48 -10.64 2.09
C THR B 141 -1.91 -11.36 0.80
N GLN B 142 -3.21 -11.36 0.51
CA GLN B 142 -3.74 -11.95 -0.69
C GLN B 142 -3.94 -10.83 -1.71
N ASP B 143 -3.66 -11.10 -2.98
CA ASP B 143 -4.16 -10.25 -4.05
C ASP B 143 -5.61 -10.72 -4.30
N ASP B 144 -6.52 -10.38 -3.39
CA ASP B 144 -7.86 -10.95 -3.37
C ASP B 144 -8.84 -10.14 -4.22
N ALA B 145 -9.94 -10.77 -4.61
CA ALA B 145 -11.08 -10.02 -5.15
C ALA B 145 -12.34 -10.87 -5.03
N HIS B 146 -13.49 -10.20 -4.93
CA HIS B 146 -14.76 -10.91 -5.02
C HIS B 146 -15.55 -10.28 -6.11
N ILE B 147 -16.12 -11.12 -6.98
CA ILE B 147 -16.91 -10.61 -8.10
C ILE B 147 -18.37 -10.95 -7.80
N PHE B 148 -19.21 -9.91 -7.77
CA PHE B 148 -20.65 -10.06 -7.52
C PHE B 148 -21.29 -10.06 -8.89
N CYS B 149 -22.07 -11.09 -9.21
CA CYS B 149 -22.58 -11.21 -10.57
C CYS B 149 -23.90 -12.00 -10.55
N THR B 150 -24.55 -12.06 -11.71
CA THR B 150 -25.78 -12.88 -11.84
C THR B 150 -25.38 -14.31 -12.20
N GLU B 151 -26.32 -15.25 -12.04
CA GLU B 151 -26.12 -16.61 -12.47
C GLU B 151 -25.74 -16.66 -13.94
N GLU B 152 -26.34 -15.78 -14.74
CA GLU B 152 -26.09 -15.76 -16.18
C GLU B 152 -24.66 -15.33 -16.52
N GLN B 153 -24.03 -14.63 -15.57
CA GLN B 153 -22.68 -14.08 -15.75
C GLN B 153 -21.56 -14.99 -15.22
N ILE B 154 -21.91 -16.09 -14.55
CA ILE B 154 -20.93 -16.97 -13.96
C ILE B 154 -19.88 -17.45 -14.97
N ARG B 155 -20.33 -17.99 -16.10
CA ARG B 155 -19.37 -18.55 -17.05
C ARG B 155 -18.35 -17.48 -17.47
N ASP B 156 -18.82 -16.30 -17.86
CA ASP B 156 -17.92 -15.27 -18.42
C ASP B 156 -16.96 -14.78 -17.33
N GLU B 157 -17.48 -14.68 -16.11
CA GLU B 157 -16.69 -14.13 -15.00
C GLU B 157 -15.63 -15.14 -14.51
N VAL B 158 -16.00 -16.42 -14.46
CA VAL B 158 -15.04 -17.46 -14.13
C VAL B 158 -13.98 -17.57 -15.23
N ASN B 159 -14.41 -17.52 -16.51
CA ASN B 159 -13.45 -17.51 -17.64
C ASN B 159 -12.50 -16.36 -17.54
N GLY B 160 -13.03 -15.19 -17.20
CA GLY B 160 -12.18 -14.01 -17.01
C GLY B 160 -11.10 -14.21 -15.95
N CYS B 161 -11.46 -14.83 -14.83
CA CYS B 161 -10.47 -15.14 -13.77
C CYS B 161 -9.42 -16.12 -14.25
N ILE B 162 -9.86 -17.14 -14.98
CA ILE B 162 -8.90 -18.15 -15.49
C ILE B 162 -7.92 -17.48 -16.46
N ARG B 163 -8.43 -16.66 -17.36
CA ARG B 163 -7.59 -15.97 -18.34
C ARG B 163 -6.62 -15.02 -17.62
N LEU B 164 -7.06 -14.35 -16.57
CA LEU B 164 -6.17 -13.49 -15.79
C LEU B 164 -4.96 -14.24 -15.18
N VAL B 165 -5.26 -15.40 -14.60
CA VAL B 165 -4.21 -16.31 -14.08
C VAL B 165 -3.13 -16.60 -15.11
N TYR B 166 -3.52 -17.10 -16.29
CA TYR B 166 -2.51 -17.46 -17.30
C TYR B 166 -1.79 -16.24 -17.86
N ASP B 167 -2.56 -15.17 -18.10
CA ASP B 167 -2.01 -13.87 -18.50
C ASP B 167 -0.92 -13.42 -17.50
N MET B 168 -1.27 -13.23 -16.24
CA MET B 168 -0.24 -12.84 -15.25
C MET B 168 0.89 -13.86 -15.10
N TYR B 169 0.59 -15.15 -15.09
CA TYR B 169 1.65 -16.12 -14.89
C TYR B 169 2.66 -16.12 -16.04
N SER B 170 2.19 -15.74 -17.23
CA SER B 170 3.09 -15.73 -18.39
C SER B 170 4.22 -14.72 -18.26
N THR B 171 3.95 -13.62 -17.56
CA THR B 171 5.00 -12.66 -17.19
C THR B 171 6.20 -13.29 -16.50
N PHE B 172 5.94 -14.29 -15.65
CA PHE B 172 6.97 -14.93 -14.82
C PHE B 172 7.51 -16.20 -15.46
N GLY B 173 6.80 -16.68 -16.50
CA GLY B 173 7.29 -17.79 -17.33
C GLY B 173 7.18 -19.19 -16.76
N PHE B 174 6.30 -19.39 -15.79
CA PHE B 174 6.14 -20.73 -15.14
C PHE B 174 5.80 -21.82 -16.14
N GLU B 175 6.62 -22.88 -16.15
CA GLU B 175 6.44 -23.99 -17.08
C GLU B 175 5.53 -25.07 -16.51
N LYS B 176 5.49 -25.20 -15.19
CA LYS B 176 4.65 -26.22 -14.55
C LYS B 176 3.53 -25.54 -13.74
N ILE B 177 2.32 -25.59 -14.30
CA ILE B 177 1.10 -25.11 -13.65
C ILE B 177 0.06 -26.24 -13.60
N VAL B 178 -0.16 -26.77 -12.41
CA VAL B 178 -1.00 -27.92 -12.23
C VAL B 178 -2.31 -27.48 -11.62
N VAL B 179 -3.42 -27.89 -12.23
CA VAL B 179 -4.71 -27.39 -11.77
C VAL B 179 -5.51 -28.48 -11.08
N LYS B 180 -6.11 -28.12 -9.94
CA LYS B 180 -6.91 -29.04 -9.15
C LYS B 180 -8.27 -28.47 -8.98
N LEU B 181 -9.27 -29.35 -8.89
CA LEU B 181 -10.63 -28.92 -8.59
C LEU B 181 -11.00 -29.60 -7.25
N SER B 182 -11.16 -28.76 -6.22
CA SER B 182 -11.33 -29.20 -4.86
C SER B 182 -12.81 -29.13 -4.50
N THR B 183 -13.37 -30.31 -4.18
CA THR B 183 -14.82 -30.46 -4.04
C THR B 183 -15.29 -30.42 -2.57
N ARG B 184 -16.58 -30.66 -2.34
CA ARG B 184 -17.25 -30.40 -1.06
C ARG B 184 -16.52 -31.02 0.12
N PRO B 185 -16.16 -30.20 1.11
CA PRO B 185 -15.51 -30.72 2.30
C PRO B 185 -16.55 -31.21 3.29
N GLU B 186 -16.08 -31.97 4.28
CA GLU B 186 -16.95 -32.57 5.28
C GLU B 186 -17.80 -31.54 6.04
N LYS B 187 -17.19 -30.42 6.42
CA LYS B 187 -17.91 -29.31 7.08
C LYS B 187 -18.16 -28.20 6.08
N ARG B 188 -19.42 -27.95 5.74
CA ARG B 188 -19.70 -26.97 4.69
C ARG B 188 -21.05 -26.31 4.89
N ILE B 189 -21.32 -25.25 4.12
CA ILE B 189 -22.64 -24.63 4.10
C ILE B 189 -23.19 -24.74 2.70
N GLY B 190 -24.52 -24.65 2.61
CA GLY B 190 -25.20 -24.75 1.30
C GLY B 190 -25.67 -26.16 1.02
N SER B 191 -26.69 -26.30 0.18
CA SER B 191 -27.32 -27.59 -0.08
C SER B 191 -26.43 -28.45 -0.96
N ASP B 192 -26.73 -29.75 -0.99
CA ASP B 192 -26.00 -30.67 -1.86
C ASP B 192 -26.25 -30.27 -3.31
N GLU B 193 -27.48 -29.80 -3.59
CA GLU B 193 -27.86 -29.35 -4.94
C GLU B 193 -26.97 -28.17 -5.41
N MET B 194 -26.77 -27.20 -4.51
CA MET B 194 -25.93 -26.04 -4.75
C MET B 194 -24.50 -26.49 -5.06
N TRP B 195 -23.96 -27.38 -4.23
CA TRP B 195 -22.66 -27.98 -4.49
C TRP B 195 -22.55 -28.74 -5.79
N ASP B 196 -23.60 -29.47 -6.17
CA ASP B 196 -23.61 -30.12 -7.49
C ASP B 196 -23.42 -29.14 -8.64
N ARG B 197 -24.17 -28.03 -8.60
CA ARG B 197 -24.16 -27.02 -9.65
C ARG B 197 -22.80 -26.30 -9.70
N ALA B 198 -22.28 -25.96 -8.52
CA ALA B 198 -21.04 -25.18 -8.41
C ALA B 198 -19.83 -25.99 -8.87
N GLU B 199 -19.75 -27.26 -8.42
CA GLU B 199 -18.68 -28.15 -8.91
C GLU B 199 -18.76 -28.38 -10.44
N ALA B 200 -19.96 -28.59 -10.96
CA ALA B 200 -20.09 -28.75 -12.41
C ALA B 200 -19.71 -27.47 -13.16
N ASP B 201 -20.11 -26.30 -12.67
CA ASP B 201 -19.76 -25.02 -13.32
C ASP B 201 -18.23 -24.87 -13.42
N LEU B 202 -17.52 -25.24 -12.36
CA LEU B 202 -16.08 -25.11 -12.40
C LEU B 202 -15.43 -26.17 -13.31
N ALA B 203 -15.91 -27.40 -13.24
CA ALA B 203 -15.37 -28.47 -14.08
C ALA B 203 -15.58 -28.12 -15.54
N VAL B 204 -16.80 -27.67 -15.88
CA VAL B 204 -17.05 -27.25 -17.27
C VAL B 204 -16.19 -26.04 -17.70
N ALA B 205 -16.00 -25.05 -16.82
CA ALA B 205 -15.15 -23.90 -17.16
C ALA B 205 -13.73 -24.39 -17.47
N LEU B 206 -13.23 -25.33 -16.67
CA LEU B 206 -11.85 -25.83 -16.92
C LEU B 206 -11.74 -26.50 -18.29
N GLU B 207 -12.73 -27.31 -18.61
CA GLU B 207 -12.70 -28.07 -19.86
C GLU B 207 -12.85 -27.15 -21.07
N GLU B 208 -13.70 -26.14 -20.94
CA GLU B 208 -13.90 -25.14 -22.01
C GLU B 208 -12.63 -24.36 -22.27
N ASN B 209 -11.81 -24.18 -21.22
CA ASN B 209 -10.55 -23.52 -21.39
C ASN B 209 -9.42 -24.49 -21.74
N ASN B 210 -9.77 -25.75 -22.01
CA ASN B 210 -8.81 -26.78 -22.39
C ASN B 210 -7.78 -27.11 -21.30
N ILE B 211 -8.17 -26.98 -20.02
CA ILE B 211 -7.26 -27.20 -18.89
C ILE B 211 -7.40 -28.60 -18.32
N PRO B 212 -6.35 -29.44 -18.44
CA PRO B 212 -6.46 -30.71 -17.76
C PRO B 212 -6.36 -30.44 -16.26
N PHE B 213 -7.17 -31.14 -15.48
CA PHE B 213 -7.13 -30.93 -14.03
C PHE B 213 -7.38 -32.25 -13.32
N GLU B 214 -6.98 -32.30 -12.05
CA GLU B 214 -7.30 -33.45 -11.24
C GLU B 214 -8.22 -33.06 -10.08
N TYR B 215 -9.10 -33.98 -9.68
CA TYR B 215 -9.93 -33.71 -8.52
C TYR B 215 -9.12 -33.81 -7.24
N GLN B 216 -9.42 -32.91 -6.30
CA GLN B 216 -8.92 -33.03 -4.95
C GLN B 216 -10.16 -33.17 -4.06
N LEU B 217 -10.55 -34.41 -3.79
CA LEU B 217 -11.85 -34.65 -3.17
C LEU B 217 -11.88 -34.14 -1.73
N GLY B 218 -12.94 -33.42 -1.38
CA GLY B 218 -13.13 -32.99 -0.01
C GLY B 218 -12.30 -31.80 0.41
N GLU B 219 -11.56 -31.17 -0.51
CA GLU B 219 -10.63 -30.12 -0.13
C GLU B 219 -11.14 -28.72 -0.46
N GLY B 220 -12.40 -28.61 -0.90
CA GLY B 220 -13.01 -27.31 -1.20
C GLY B 220 -13.15 -26.39 0.02
N ALA B 221 -13.52 -25.12 -0.20
CA ALA B 221 -13.72 -24.24 0.96
C ALA B 221 -15.06 -24.58 1.61
N PHE B 222 -15.29 -24.13 2.85
CA PHE B 222 -16.57 -24.47 3.51
C PHE B 222 -17.73 -23.83 2.74
N TYR B 223 -17.44 -22.76 2.01
CA TYR B 223 -18.50 -21.99 1.26
C TYR B 223 -18.62 -22.35 -0.21
N GLY B 224 -17.67 -23.11 -0.74
CA GLY B 224 -17.71 -23.39 -2.18
C GLY B 224 -16.53 -24.16 -2.69
N PRO B 225 -16.68 -24.76 -3.89
CA PRO B 225 -15.59 -25.53 -4.52
C PRO B 225 -14.54 -24.57 -5.04
N LYS B 226 -13.31 -25.06 -5.21
CA LYS B 226 -12.17 -24.25 -5.60
C LYS B 226 -11.42 -24.85 -6.79
N ILE B 227 -11.14 -24.02 -7.78
CA ILE B 227 -10.03 -24.29 -8.71
C ILE B 227 -8.74 -23.84 -8.01
N GLU B 228 -7.67 -24.63 -8.07
CA GLU B 228 -6.41 -24.19 -7.50
C GLU B 228 -5.36 -24.31 -8.57
N PHE B 229 -4.58 -23.24 -8.74
CA PHE B 229 -3.43 -23.23 -9.61
C PHE B 229 -2.19 -23.45 -8.78
N THR B 230 -1.55 -24.59 -9.00
CA THR B 230 -0.50 -25.09 -8.15
C THR B 230 0.83 -24.83 -8.80
N LEU B 231 1.74 -24.20 -8.05
CA LEU B 231 3.13 -24.04 -8.49
C LEU B 231 4.03 -24.84 -7.55
N TYR B 232 5.28 -25.07 -7.99
CA TYR B 232 6.17 -26.04 -7.37
C TYR B 232 7.48 -25.39 -6.99
N ASP B 233 7.94 -25.63 -5.77
CA ASP B 233 9.16 -24.99 -5.34
C ASP B 233 10.38 -25.84 -5.78
N CYS B 234 11.57 -25.45 -5.33
CA CYS B 234 12.79 -26.15 -5.72
C CYS B 234 12.79 -27.65 -5.49
N LEU B 235 12.13 -28.08 -4.41
CA LEU B 235 12.08 -29.47 -4.01
C LEU B 235 10.84 -30.17 -4.61
N ASP B 236 10.21 -29.50 -5.58
CA ASP B 236 8.98 -29.95 -6.25
C ASP B 236 7.81 -30.16 -5.26
N ARG B 237 7.77 -29.38 -4.17
CA ARG B 237 6.60 -29.38 -3.27
C ARG B 237 5.52 -28.52 -3.92
N ALA B 238 4.27 -28.97 -3.85
CA ALA B 238 3.11 -28.27 -4.44
C ALA B 238 2.58 -27.19 -3.50
N TRP B 239 2.34 -25.98 -4.06
CA TRP B 239 1.83 -24.87 -3.29
C TRP B 239 0.70 -24.22 -4.01
N GLN B 240 -0.47 -24.12 -3.37
CA GLN B 240 -1.60 -23.44 -4.00
C GLN B 240 -1.24 -21.95 -4.17
N CYS B 241 -1.32 -21.45 -5.42
CA CYS B 241 -1.13 -20.02 -5.62
C CYS B 241 -2.45 -19.38 -6.06
N GLY B 242 -2.74 -19.35 -7.36
CA GLY B 242 -4.03 -18.79 -7.87
C GLY B 242 -5.17 -19.70 -7.43
N THR B 243 -6.36 -19.12 -7.20
CA THR B 243 -7.53 -19.95 -6.89
C THR B 243 -8.77 -19.19 -7.35
N VAL B 244 -9.76 -19.93 -7.83
CA VAL B 244 -11.02 -19.35 -8.28
C VAL B 244 -12.10 -20.20 -7.66
N GLN B 245 -13.06 -19.57 -6.97
CA GLN B 245 -14.02 -20.29 -6.17
C GLN B 245 -15.42 -19.73 -6.39
N LEU B 246 -16.41 -20.61 -6.31
CA LEU B 246 -17.78 -20.24 -6.61
C LEU B 246 -18.63 -20.41 -5.36
N ASP B 247 -19.26 -19.31 -4.93
CA ASP B 247 -19.91 -19.20 -3.65
C ASP B 247 -21.38 -18.78 -3.82
N PHE B 248 -22.28 -19.72 -3.58
CA PHE B 248 -23.71 -19.46 -3.60
C PHE B 248 -24.29 -19.30 -2.19
N SER B 249 -23.43 -19.12 -1.18
CA SER B 249 -23.88 -19.08 0.20
C SER B 249 -23.60 -17.84 1.05
N LEU B 250 -22.38 -17.32 1.01
CA LEU B 250 -22.06 -16.17 1.89
C LEU B 250 -22.86 -14.92 1.65
N PRO B 251 -23.08 -14.54 0.37
CA PRO B 251 -23.82 -13.30 0.17
C PRO B 251 -25.19 -13.34 0.85
N SER B 252 -25.86 -14.49 0.74
CA SER B 252 -27.15 -14.64 1.39
C SER B 252 -27.02 -14.52 2.91
N ARG B 253 -26.01 -15.16 3.49
CA ARG B 253 -25.85 -15.09 4.95
C ARG B 253 -25.58 -13.67 5.40
N LEU B 254 -25.03 -12.85 4.51
CA LEU B 254 -24.78 -11.46 4.86
C LEU B 254 -25.76 -10.45 4.24
N SER B 255 -26.95 -10.92 3.87
CA SER B 255 -28.04 -10.08 3.35
C SER B 255 -27.65 -9.23 2.13
N ALA B 256 -26.83 -9.78 1.22
CA ALA B 256 -26.52 -9.05 0.00
C ALA B 256 -27.65 -9.28 -1.01
N SER B 257 -28.04 -8.20 -1.73
CA SER B 257 -29.08 -8.32 -2.75
C SER B 257 -28.93 -7.17 -3.76
N TYR B 258 -29.61 -7.33 -4.90
CA TYR B 258 -29.69 -6.29 -5.92
C TYR B 258 -31.03 -6.43 -6.63
N VAL B 259 -31.41 -5.38 -7.35
CA VAL B 259 -32.63 -5.43 -8.19
C VAL B 259 -32.27 -5.88 -9.61
N GLY B 260 -32.80 -7.02 -10.04
CA GLY B 260 -32.53 -7.58 -11.36
C GLY B 260 -33.16 -6.80 -12.51
N GLU B 261 -32.67 -7.05 -13.73
CA GLU B 261 -33.21 -6.46 -14.97
C GLU B 261 -34.72 -6.71 -15.11
N ASP B 262 -35.18 -7.84 -14.59
CA ASP B 262 -36.61 -8.19 -14.59
C ASP B 262 -37.36 -7.72 -13.33
N ASN B 263 -36.70 -6.88 -12.52
CA ASN B 263 -37.26 -6.28 -11.29
C ASN B 263 -37.36 -7.14 -10.04
N GLU B 264 -36.99 -8.42 -10.18
CA GLU B 264 -36.85 -9.31 -9.05
C GLU B 264 -35.60 -8.99 -8.26
N ARG B 265 -35.78 -8.77 -6.96
CA ARG B 265 -34.66 -8.63 -6.05
C ARG B 265 -34.05 -10.03 -5.80
N LYS B 266 -32.74 -10.16 -6.04
CA LYS B 266 -32.05 -11.45 -5.94
C LYS B 266 -30.77 -11.30 -5.15
N VAL B 267 -30.23 -12.44 -4.73
CA VAL B 267 -28.91 -12.50 -4.12
C VAL B 267 -27.84 -12.63 -5.23
N PRO B 268 -26.76 -11.81 -5.16
CA PRO B 268 -25.72 -11.99 -6.16
C PRO B 268 -24.94 -13.28 -5.92
N VAL B 269 -24.47 -13.90 -7.01
CA VAL B 269 -23.45 -14.93 -6.92
C VAL B 269 -22.15 -14.22 -6.54
N MET B 270 -21.28 -14.88 -5.77
CA MET B 270 -19.95 -14.32 -5.51
C MET B 270 -18.87 -15.27 -6.00
N ILE B 271 -17.97 -14.77 -6.84
CA ILE B 271 -16.77 -15.51 -7.17
C ILE B 271 -15.62 -14.97 -6.34
N HIS B 272 -14.88 -15.86 -5.68
CA HIS B 272 -13.70 -15.44 -4.92
C HIS B 272 -12.52 -15.80 -5.78
N ARG B 273 -11.52 -14.92 -5.87
CA ARG B 273 -10.28 -15.34 -6.54
C ARG B 273 -9.06 -14.60 -6.05
N ALA B 274 -7.92 -15.28 -6.12
CA ALA B 274 -6.61 -14.63 -5.93
C ALA B 274 -5.76 -15.12 -7.08
N ILE B 275 -4.94 -14.25 -7.61
CA ILE B 275 -4.20 -14.67 -8.81
C ILE B 275 -2.82 -15.15 -8.36
N LEU B 276 -2.08 -14.28 -7.68
CA LEU B 276 -0.80 -14.67 -7.09
C LEU B 276 -0.99 -15.65 -5.93
N GLY B 277 -2.00 -15.39 -5.11
CA GLY B 277 -2.35 -16.23 -3.98
C GLY B 277 -2.06 -15.47 -2.72
N SER B 278 -0.93 -15.74 -2.08
CA SER B 278 -0.44 -14.76 -1.12
C SER B 278 0.87 -14.17 -1.63
N MET B 279 1.07 -12.87 -1.39
CA MET B 279 2.23 -12.18 -1.95
C MET B 279 3.49 -12.88 -1.42
N GLU B 280 3.47 -13.22 -0.13
CA GLU B 280 4.60 -13.83 0.58
C GLU B 280 4.94 -15.15 -0.10
N ARG B 281 3.95 -16.01 -0.21
CA ARG B 281 4.18 -17.33 -0.87
C ARG B 281 4.69 -17.12 -2.30
N PHE B 282 4.05 -16.20 -3.03
CA PHE B 282 4.41 -15.97 -4.45
C PHE B 282 5.87 -15.43 -4.52
N ILE B 283 6.24 -14.55 -3.60
CA ILE B 283 7.66 -14.13 -3.54
C ILE B 283 8.60 -15.32 -3.22
N GLY B 284 8.22 -16.18 -2.29
CA GLY B 284 8.99 -17.42 -2.06
C GLY B 284 9.19 -18.22 -3.35
N ILE B 285 8.10 -18.41 -4.09
CA ILE B 285 8.15 -19.14 -5.36
C ILE B 285 9.09 -18.44 -6.37
N LEU B 286 8.93 -17.13 -6.52
CA LEU B 286 9.77 -16.40 -7.49
C LEU B 286 11.23 -16.46 -7.10
N THR B 287 11.49 -16.38 -5.80
CA THR B 287 12.87 -16.40 -5.30
C THR B 287 13.53 -17.72 -5.70
N GLU B 288 12.81 -18.84 -5.56
CA GLU B 288 13.38 -20.13 -5.98
C GLU B 288 13.43 -20.28 -7.49
N GLU B 289 12.38 -19.84 -8.17
CA GLU B 289 12.26 -19.96 -9.63
C GLU B 289 13.41 -19.23 -10.33
N PHE B 290 13.82 -18.08 -9.79
CA PHE B 290 14.90 -17.28 -10.39
C PHE B 290 16.25 -17.45 -9.68
N ALA B 291 16.27 -18.23 -8.59
CA ALA B 291 17.46 -18.38 -7.74
C ALA B 291 18.03 -17.00 -7.31
N GLY B 292 17.14 -16.06 -7.06
CA GLY B 292 17.56 -14.73 -6.62
C GLY B 292 17.92 -13.80 -7.76
N PHE B 293 17.97 -14.33 -8.98
CA PHE B 293 18.27 -13.51 -10.16
C PHE B 293 16.95 -12.93 -10.69
N PHE B 294 16.36 -11.98 -9.95
CA PHE B 294 15.03 -11.43 -10.35
C PHE B 294 15.10 -10.67 -11.67
N PRO B 295 14.06 -10.79 -12.52
CA PRO B 295 14.11 -10.00 -13.74
C PRO B 295 14.20 -8.53 -13.36
N THR B 296 14.70 -7.72 -14.29
CA THR B 296 15.09 -6.36 -13.98
C THR B 296 13.96 -5.54 -13.31
N TRP B 297 12.75 -5.69 -13.81
CA TRP B 297 11.63 -4.92 -13.27
C TRP B 297 11.35 -5.21 -11.81
N LEU B 298 11.67 -6.42 -11.36
CA LEU B 298 11.48 -6.81 -9.95
C LEU B 298 12.70 -6.65 -9.05
N ALA B 299 13.89 -6.41 -9.64
CA ALA B 299 15.15 -6.47 -8.91
C ALA B 299 15.18 -5.30 -7.89
N PRO B 300 15.49 -5.56 -6.61
CA PRO B 300 15.39 -4.48 -5.61
C PRO B 300 16.25 -3.27 -6.01
N VAL B 301 17.46 -3.55 -6.51
CA VAL B 301 18.37 -2.53 -7.01
C VAL B 301 18.72 -2.94 -8.44
N GLN B 302 18.38 -2.09 -9.40
CA GLN B 302 18.52 -2.46 -10.81
C GLN B 302 19.93 -2.17 -11.35
N VAL B 303 20.54 -1.10 -10.84
CA VAL B 303 21.82 -0.62 -11.36
C VAL B 303 22.68 -0.14 -10.22
N VAL B 304 23.95 -0.55 -10.18
CA VAL B 304 24.92 0.12 -9.30
C VAL B 304 25.96 0.79 -10.19
N ILE B 305 26.24 2.07 -9.92
CA ILE B 305 27.29 2.78 -10.62
C ILE B 305 28.50 2.99 -9.70
N MET B 306 29.68 2.63 -10.19
CA MET B 306 30.91 2.65 -9.41
C MET B 306 31.97 3.50 -10.09
N ASN B 307 32.72 4.21 -9.26
CA ASN B 307 33.94 4.85 -9.72
C ASN B 307 35.16 3.96 -9.42
N ILE B 308 36.23 4.19 -10.17
CA ILE B 308 37.49 3.51 -9.91
C ILE B 308 38.29 4.23 -8.83
N THR B 309 38.38 5.56 -8.93
CA THR B 309 38.94 6.42 -7.87
C THR B 309 38.07 7.67 -7.76
N ASP B 310 38.34 8.51 -6.77
CA ASP B 310 37.49 9.69 -6.60
C ASP B 310 37.59 10.69 -7.75
N SER B 311 38.54 10.48 -8.66
CA SER B 311 38.59 11.26 -9.92
C SER B 311 37.26 11.17 -10.69
N GLN B 312 36.55 10.04 -10.58
CA GLN B 312 35.28 9.88 -11.28
C GLN B 312 34.04 9.98 -10.37
N SER B 313 34.23 10.43 -9.12
CA SER B 313 33.11 10.58 -8.18
C SER B 313 32.00 11.47 -8.69
N GLU B 314 32.39 12.60 -9.26
CA GLU B 314 31.42 13.60 -9.70
C GLU B 314 30.58 13.08 -10.87
N TYR B 315 31.25 12.47 -11.84
CA TYR B 315 30.61 11.85 -12.98
C TYR B 315 29.62 10.76 -12.51
N VAL B 316 30.06 9.94 -11.54
CA VAL B 316 29.19 8.88 -10.99
C VAL B 316 27.92 9.44 -10.36
N ASN B 317 28.06 10.47 -9.52
CA ASN B 317 26.90 11.15 -8.92
C ASN B 317 25.96 11.70 -10.00
N GLU B 318 26.53 12.33 -11.02
CA GLU B 318 25.75 12.87 -12.13
C GLU B 318 24.93 11.78 -12.84
N LEU B 319 25.56 10.64 -13.17
CA LEU B 319 24.88 9.53 -13.83
C LEU B 319 23.78 8.93 -12.96
N THR B 320 24.09 8.81 -11.67
CA THR B 320 23.12 8.24 -10.70
C THR B 320 21.87 9.10 -10.64
N GLN B 321 22.03 10.41 -10.52
CA GLN B 321 20.87 11.29 -10.52
C GLN B 321 20.09 11.18 -11.84
N LYS B 322 20.81 11.16 -12.97
CA LYS B 322 20.21 11.01 -14.29
C LYS B 322 19.41 9.69 -14.39
N LEU B 323 19.98 8.57 -13.95
CA LEU B 323 19.26 7.28 -13.98
C LEU B 323 18.06 7.30 -13.03
N SER B 324 18.25 7.88 -11.86
CA SER B 324 17.20 7.89 -10.86
C SER B 324 16.02 8.71 -11.35
N ASN B 325 16.31 9.86 -11.97
CA ASN B 325 15.23 10.68 -12.57
C ASN B 325 14.51 10.02 -13.72
N ALA B 326 15.18 9.06 -14.36
CA ALA B 326 14.60 8.25 -15.44
C ALA B 326 13.71 7.12 -14.89
N GLY B 327 13.57 7.07 -13.56
CA GLY B 327 12.81 6.03 -12.86
C GLY B 327 13.50 4.71 -12.60
N ILE B 328 14.83 4.67 -12.71
CA ILE B 328 15.57 3.45 -12.45
C ILE B 328 16.00 3.39 -10.99
N ARG B 329 15.92 2.20 -10.37
CA ARG B 329 16.43 2.04 -9.00
C ARG B 329 17.92 1.84 -9.09
N VAL B 330 18.66 2.91 -8.84
CA VAL B 330 20.09 2.98 -9.03
C VAL B 330 20.77 3.44 -7.74
N LYS B 331 21.99 2.94 -7.49
CA LYS B 331 22.77 3.39 -6.35
C LYS B 331 24.18 3.70 -6.85
N ALA B 332 24.82 4.70 -6.22
CA ALA B 332 26.23 4.96 -6.43
C ALA B 332 27.05 4.21 -5.39
N ASP B 333 28.18 3.66 -5.81
CA ASP B 333 29.10 2.98 -4.87
C ASP B 333 30.41 3.73 -4.99
N LEU B 334 30.60 4.69 -4.09
CA LEU B 334 31.74 5.59 -4.14
C LEU B 334 32.81 5.21 -3.12
N ARG B 335 32.74 3.99 -2.56
CA ARG B 335 33.61 3.63 -1.44
C ARG B 335 35.06 3.58 -1.90
N ASN B 336 35.97 3.83 -0.97
CA ASN B 336 37.39 3.67 -1.21
C ASN B 336 37.75 2.17 -1.15
N GLU B 337 37.29 1.43 -2.15
CA GLU B 337 37.57 -0.01 -2.26
C GLU B 337 38.00 -0.26 -3.71
N LYS B 338 38.80 -1.29 -3.95
CA LYS B 338 39.20 -1.62 -5.31
C LYS B 338 37.97 -1.91 -6.18
N ILE B 339 38.03 -1.51 -7.45
CA ILE B 339 36.88 -1.72 -8.39
C ILE B 339 36.44 -3.20 -8.46
N GLY B 340 37.39 -4.14 -8.45
CA GLY B 340 37.03 -5.58 -8.44
C GLY B 340 36.38 -6.10 -7.19
N PHE B 341 36.64 -5.45 -6.05
CA PHE B 341 35.94 -5.68 -4.79
C PHE B 341 34.46 -5.22 -4.88
N LYS B 342 34.25 -4.00 -5.33
CA LYS B 342 32.88 -3.45 -5.54
C LYS B 342 32.05 -4.31 -6.49
N ILE B 343 32.64 -4.67 -7.63
CA ILE B 343 31.93 -5.44 -8.68
C ILE B 343 31.48 -6.76 -8.12
N ARG B 344 32.35 -7.43 -7.35
CA ARG B 344 31.98 -8.74 -6.82
C ARG B 344 30.82 -8.64 -5.83
N GLU B 345 30.85 -7.61 -4.96
CA GLU B 345 29.76 -7.42 -4.01
C GLU B 345 28.38 -7.28 -4.70
N HIS B 346 28.32 -6.43 -5.71
CA HIS B 346 27.05 -6.21 -6.41
C HIS B 346 26.60 -7.36 -7.24
N THR B 347 27.58 -8.09 -7.78
CA THR B 347 27.36 -9.36 -8.51
C THR B 347 26.68 -10.38 -7.59
N LEU B 348 27.27 -10.57 -6.39
CA LEU B 348 26.73 -11.52 -5.43
C LEU B 348 25.38 -11.09 -4.95
N ARG B 349 25.14 -9.77 -4.93
CA ARG B 349 23.80 -9.23 -4.62
C ARG B 349 22.80 -9.35 -5.78
N ARG B 350 23.23 -9.86 -6.93
CA ARG B 350 22.36 -10.06 -8.12
C ARG B 350 21.77 -8.76 -8.67
N VAL B 351 22.57 -7.70 -8.61
CA VAL B 351 22.20 -6.45 -9.27
C VAL B 351 22.31 -6.67 -10.79
N PRO B 352 21.19 -6.50 -11.53
CA PRO B 352 21.25 -6.85 -12.95
C PRO B 352 22.39 -6.18 -13.71
N TYR B 353 22.58 -4.88 -13.53
CA TYR B 353 23.58 -4.14 -14.28
C TYR B 353 24.54 -3.37 -13.39
N MET B 354 25.82 -3.44 -13.72
CA MET B 354 26.84 -2.65 -13.07
C MET B 354 27.55 -1.72 -14.07
N LEU B 355 27.65 -0.44 -13.70
CA LEU B 355 28.27 0.56 -14.56
C LEU B 355 29.56 1.02 -13.92
N VAL B 356 30.64 0.93 -14.68
CA VAL B 356 31.95 1.23 -14.14
C VAL B 356 32.44 2.47 -14.87
N CYS B 357 32.89 3.46 -14.10
CA CYS B 357 33.38 4.70 -14.65
C CYS B 357 34.85 4.92 -14.29
N GLY B 358 35.71 4.79 -15.29
CA GLY B 358 37.11 5.23 -15.17
C GLY B 358 37.30 6.52 -15.94
N ASP B 359 38.55 6.99 -16.04
CA ASP B 359 38.83 8.24 -16.74
C ASP B 359 38.36 8.24 -18.19
N LYS B 360 38.52 7.10 -18.87
CA LYS B 360 38.09 6.95 -20.25
C LYS B 360 36.59 7.25 -20.44
N GLU B 361 35.78 6.78 -19.48
CA GLU B 361 34.33 6.99 -19.48
C GLU B 361 33.95 8.44 -19.23
N VAL B 362 34.61 9.07 -18.27
CA VAL B 362 34.39 10.49 -18.00
C VAL B 362 34.66 11.33 -19.27
N GLU B 363 35.79 11.09 -19.94
CA GLU B 363 36.15 11.88 -21.14
C GLU B 363 35.10 11.71 -22.23
N SER B 364 34.64 10.47 -22.42
CA SER B 364 33.74 10.13 -23.53
C SER B 364 32.25 10.32 -23.24
N GLY B 365 31.89 10.52 -21.99
CA GLY B 365 30.48 10.51 -21.60
C GLY B 365 29.80 9.15 -21.77
N LYS B 366 30.60 8.09 -21.72
CA LYS B 366 30.07 6.73 -21.79
C LYS B 366 30.17 6.03 -20.44
N VAL B 367 29.69 4.77 -20.38
CA VAL B 367 29.81 3.92 -19.20
C VAL B 367 30.19 2.50 -19.62
N ALA B 368 31.05 1.84 -18.86
CA ALA B 368 31.37 0.44 -19.10
C ALA B 368 30.32 -0.39 -18.37
N VAL B 369 29.64 -1.27 -19.11
CA VAL B 369 28.52 -2.00 -18.57
C VAL B 369 28.81 -3.50 -18.45
N ARG B 370 28.52 -4.06 -17.28
CA ARG B 370 28.61 -5.51 -17.09
C ARG B 370 27.40 -6.02 -16.34
N THR B 371 27.18 -7.33 -16.36
CA THR B 371 25.98 -7.87 -15.68
C THR B 371 26.33 -8.80 -14.55
N ARG B 372 25.32 -9.12 -13.75
CA ARG B 372 25.47 -10.05 -12.64
C ARG B 372 25.76 -11.49 -13.09
N ARG B 373 25.59 -11.78 -14.39
CA ARG B 373 26.00 -13.09 -14.96
C ARG B 373 27.42 -13.08 -15.51
N GLY B 374 28.13 -11.97 -15.30
CA GLY B 374 29.50 -11.76 -15.80
C GLY B 374 29.61 -11.37 -17.27
N LYS B 375 28.50 -11.03 -17.92
CA LYS B 375 28.56 -10.57 -19.30
C LYS B 375 29.14 -9.18 -19.34
N ASP B 376 29.99 -8.93 -20.32
CA ASP B 376 30.65 -7.64 -20.45
C ASP B 376 30.08 -7.00 -21.72
N LEU B 377 29.27 -5.96 -21.51
CA LEU B 377 28.63 -5.23 -22.62
C LEU B 377 29.50 -4.07 -23.15
N GLY B 378 30.69 -3.89 -22.59
CA GLY B 378 31.66 -2.88 -23.09
C GLY B 378 31.13 -1.47 -22.85
N SER B 379 31.61 -0.49 -23.62
CA SER B 379 31.27 0.93 -23.45
C SER B 379 29.97 1.26 -24.16
N MET B 380 29.03 1.88 -23.45
CA MET B 380 27.74 2.18 -24.03
C MET B 380 27.45 3.64 -23.76
N ASP B 381 26.68 4.27 -24.64
CA ASP B 381 26.37 5.66 -24.36
C ASP B 381 25.26 5.69 -23.30
N VAL B 382 25.31 6.72 -22.49
CA VAL B 382 24.48 6.77 -21.32
C VAL B 382 22.98 6.76 -21.70
N ASN B 383 22.57 7.57 -22.66
CA ASN B 383 21.15 7.54 -23.05
C ASN B 383 20.67 6.19 -23.57
N GLU B 384 21.52 5.49 -24.31
CA GLU B 384 21.24 4.13 -24.78
C GLU B 384 21.01 3.17 -23.60
N VAL B 385 21.83 3.21 -22.56
CA VAL B 385 21.56 2.30 -21.43
C VAL B 385 20.25 2.66 -20.74
N ILE B 386 20.00 3.96 -20.54
CA ILE B 386 18.73 4.44 -19.97
C ILE B 386 17.52 3.91 -20.78
N GLU B 387 17.55 4.09 -22.09
CA GLU B 387 16.43 3.67 -22.94
C GLU B 387 16.23 2.16 -22.94
N LYS B 388 17.32 1.39 -23.02
CA LYS B 388 17.30 -0.07 -22.93
C LYS B 388 16.69 -0.56 -21.60
N LEU B 389 17.14 -0.01 -20.47
CA LEU B 389 16.60 -0.33 -19.16
C LEU B 389 15.12 0.03 -19.05
N GLN B 390 14.77 1.24 -19.49
CA GLN B 390 13.37 1.68 -19.44
C GLN B 390 12.50 0.73 -20.22
N GLN B 391 12.98 0.32 -21.38
CA GLN B 391 12.24 -0.63 -22.20
C GLN B 391 12.06 -1.99 -21.50
N GLU B 392 13.14 -2.51 -20.92
CA GLU B 392 13.05 -3.80 -20.27
C GLU B 392 12.20 -3.78 -18.97
N ILE B 393 12.18 -2.63 -18.32
CA ILE B 393 11.35 -2.42 -17.12
C ILE B 393 9.86 -2.32 -17.50
N ARG B 394 9.56 -1.41 -18.42
CA ARG B 394 8.19 -1.18 -18.91
C ARG B 394 7.60 -2.48 -19.48
N SER B 395 8.41 -3.26 -20.20
CA SER B 395 7.86 -4.49 -20.78
C SER B 395 7.83 -5.65 -19.80
N ARG B 396 8.37 -5.45 -18.57
CA ARG B 396 8.55 -6.54 -17.59
C ARG B 396 9.17 -7.82 -18.20
N SER B 397 10.26 -7.63 -18.95
CA SER B 397 10.89 -8.73 -19.70
C SER B 397 11.49 -9.76 -18.77
N LEU B 398 11.22 -11.02 -19.11
CA LEU B 398 11.69 -12.20 -18.38
C LEU B 398 13.21 -12.36 -18.26
N LYS B 399 13.97 -11.95 -19.28
CA LYS B 399 15.43 -11.95 -19.21
C LYS B 399 15.93 -10.81 -20.07
N GLN B 400 17.24 -10.63 -20.12
CA GLN B 400 17.89 -9.85 -21.20
C GLN B 400 19.40 -9.68 -20.99
ZN ZN C . 8.03 5.50 16.73
C1 X16 D . 5.84 8.89 15.05
C2 X16 D . 5.96 7.45 15.58
C3 X16 D . 5.75 7.37 17.09
C4 X16 D . 4.31 7.68 17.39
N5 X16 D . 4.01 8.92 17.78
O6 X16 D . 7.20 6.95 15.12
N7 X16 D . 5.95 6.02 17.54
O8 X16 D . 3.48 6.82 17.30
S9 X16 D . 2.51 9.31 18.14
O10 X16 D . 2.60 10.60 18.63
O11 X16 D . 2.01 8.42 19.05
C12 X16 D . 1.59 9.37 16.80
C13 X16 D . 2.12 9.69 15.56
C14 X16 D . 1.35 9.75 14.39
C15 X16 D . -0.02 9.51 14.50
C16 X16 D . -0.59 9.27 15.74
C17 X16 D . 0.22 9.17 16.87
C18 X16 D . -2.06 8.96 15.83
C19 X16 D . -2.91 9.31 14.80
C20 X16 D . -4.25 8.99 14.80
C21 X16 D . -4.75 8.26 15.88
C22 X16 D . -3.87 7.88 16.98
C23 X16 D . -2.53 8.23 16.89
N24 X16 D . -4.40 7.16 17.99
C25 X16 D . -5.69 6.81 18.04
N26 X16 D . -6.55 7.13 17.05
C27 X16 D . -6.17 7.83 15.99
N28 X16 D . -7.01 8.12 15.03
C29 X16 D . -6.18 6.04 19.23
ZN ZN E . -13.04 -14.81 -0.44
C1 X16 F . -9.56 -16.14 -2.67
C2 X16 F . -10.20 -15.63 -1.39
C3 X16 F . -10.74 -16.77 -0.49
C4 X16 F . -9.62 -17.51 0.18
N5 X16 F . -9.29 -18.66 -0.40
O6 X16 F . -11.25 -14.73 -1.68
N7 X16 F . -11.59 -16.19 0.53
O8 X16 F . -9.08 -17.09 1.20
S9 X16 F . -8.13 -19.59 0.15
O10 X16 F . -8.07 -20.80 -0.61
O11 X16 F . -8.36 -19.82 1.51
C12 X16 F . -6.69 -18.92 -0.06
C13 X16 F . -6.47 -18.04 -1.12
C14 X16 F . -5.23 -17.43 -1.32
C15 X16 F . -4.19 -17.72 -0.43
C16 X16 F . -4.37 -18.64 0.61
C17 X16 F . -5.63 -19.20 0.82
C18 X16 F . -3.23 -18.86 1.56
C19 X16 F . -1.92 -18.51 1.20
C20 X16 F . -0.88 -18.67 2.12
C21 X16 F . -1.16 -19.12 3.40
C22 X16 F . -2.54 -19.46 3.80
C23 X16 F . -3.54 -19.30 2.85
N24 X16 F . -2.80 -19.92 5.04
C25 X16 F . -1.81 -20.05 5.95
N26 X16 F . -0.54 -19.73 5.67
C27 X16 F . -0.13 -19.28 4.47
N28 X16 F . 1.15 -18.98 4.21
C29 X16 F . -2.14 -20.55 7.31
#